data_7ENI
#
_entry.id   7ENI
#
_cell.length_a   87.852
_cell.length_b   105.957
_cell.length_c   238.857
_cell.angle_alpha   90.000
_cell.angle_beta   90.000
_cell.angle_gamma   90.000
#
_symmetry.space_group_name_H-M   'P 21 21 21'
#
loop_
_entity.id
_entity.type
_entity.pdbx_description
1 polymer 'CRISPR-associated endonuclease Cas9'
2 polymer 'sgRNA (74-MER)'
3 polymer 'AcrIIA13 protein'
4 non-polymer 'PHOSPHATE ION'
5 water water
#
loop_
_entity_poly.entity_id
_entity_poly.type
_entity_poly.pdbx_seq_one_letter_code
_entity_poly.pdbx_strand_id
1 'polypeptide(L)'
;SMKRNYILGLDIGITSVGYGIIDYETRDVIDAGVRLFKEANVENNEGRRSKRGARRLKRRRRHRIQRVKKLLFDYNLLTD
HSELSGINPYEARVKGLSQKLSEEEFSAALLHLAKRRGVHNVNEVEEDTGNELSTKEQISRNSKALEEKYVAELQLERLK
KDGEVRGSINRFKTSDYVKEAKQLLKVQKAYHQLDQSFIDTYIDLLETRRTYYEGPGEGSPFGWKDIKEWYEMLMGHCTY
FPEELRSVKYAYNADLYNALNDLNNLVITRDENEKLEYYEKFQIIENVFKQKKKPTLKQIAKEILVNEEDIKGYRVTSTG
KPEFTNLKVYHDIKDITARKEIIENAELLDQIAKILTIYQSSEDIQEELTNLNSELTQEEIEQISNLKGYTGTHNLSLKA
INLILDELWHTNDNQIAIFNRLKLVPKKVDLSQQKEIPTTLVDDFILSPVVKRSFIQSIKVINAIIKKYGLPNDIIIELA
REKNSKDAQKMINEMQKRNRQTNERIEEIIRTTGKENAKYLIEKIKLHDMQEGKCLYSLEAIPLEDLLNNPFNYEVDHII
PRSVSFDNSFNNKVLVKQEENSKKGNRTPFQYLSSSDSKISYETFKKHILNLAKGKGRISKTKKEYLLEERDINRFSVQK
DFINRNLVDTRYATRGLMNLLRSYFRVNNLDVKVKSINGGFTSFLRRKWKFKKERNKGYKHHAEDALIIANADFIFKEWK
KLDKAKKVMENQMFEEKQAESMPEIETEQEYKEIFITPHQIKHIKDFKDYKYSHRVDKKPNRELINDTLYSTRKDDKGNT
LIVNNLNGLYDKDNDKLKKLINKSPEKLLMYHHDPQTYQKLKLIMEQYGDEKNPLYKYYEETGNYLTKYSKKDNGPVIKK
IKYYGNKLNAHLDITDDYPNSRNKVVKLSLKPYRFDVYLDNGVYKFVTVKNLDVIKKENYYEVNSKCYEEAKKLKKISNQ
AEFIASFYNNDLIKINGELYRVIGVNNDLLNRIEVNMIDITYREYLENMNDKRPPRIIKTIASKTQSIKKYSTDILGNLY
EVKSKKHPQIIKKG
;
A
2 'polyribonucleotide' GGUCUGCUAUUUCUAUUUACGUUUUAGUACUCUGGAAACAGAAUCUACUAAAACAAGGCAAAAUGCCGUGUUUC B
3 'polypeptide(L)'
;MNKSIEIKDQNNIVLIDSLGQFFTDIENDNNGRYNIDYVLLNEVEHDNGNTYYEVGMYRTEEVPFSDKVTQDNVELLEDK
WLQIDQQGESYVESIFFENEEDAREYIKLVLKGHETFEETAKAIGVIK
;
C
#
loop_
_chem_comp.id
_chem_comp.type
_chem_comp.name
_chem_comp.formula
A RNA linking ADENOSINE-5'-MONOPHOSPHATE 'C10 H14 N5 O7 P'
C RNA linking CYTIDINE-5'-MONOPHOSPHATE 'C9 H14 N3 O8 P'
G RNA linking GUANOSINE-5'-MONOPHOSPHATE 'C10 H14 N5 O8 P'
PO4 non-polymer 'PHOSPHATE ION' 'O4 P -3'
U RNA linking URIDINE-5'-MONOPHOSPHATE 'C9 H13 N2 O9 P'
#
# COMPACT_ATOMS: atom_id res chain seq x y z
N SER A 1 -17.59 -27.83 18.21
CA SER A 1 -18.14 -29.14 17.89
C SER A 1 -17.47 -30.22 18.71
N MET A 2 -17.48 -31.45 18.20
CA MET A 2 -16.77 -32.55 18.84
C MET A 2 -15.27 -32.39 18.58
N LYS A 3 -14.48 -32.46 19.66
CA LYS A 3 -13.03 -32.33 19.52
C LYS A 3 -12.49 -33.43 18.61
N ARG A 4 -11.46 -33.09 17.85
CA ARG A 4 -10.92 -33.98 16.84
C ARG A 4 -9.40 -34.03 16.95
N ASN A 5 -8.84 -35.10 16.39
CA ASN A 5 -7.40 -35.24 16.20
C ASN A 5 -7.13 -34.86 14.75
N TYR A 6 -6.61 -33.66 14.53
CA TYR A 6 -6.63 -33.10 13.19
C TYR A 6 -5.36 -32.29 12.90
N ILE A 7 -5.12 -32.11 11.61
CA ILE A 7 -4.13 -31.20 11.05
C ILE A 7 -4.86 -29.97 10.54
N LEU A 8 -4.29 -28.79 10.83
CA LEU A 8 -4.85 -27.52 10.42
C LEU A 8 -3.89 -26.85 9.44
N GLY A 9 -4.36 -26.64 8.21
CA GLY A 9 -3.61 -25.94 7.19
C GLY A 9 -4.15 -24.53 7.02
N LEU A 10 -3.23 -23.58 6.97
CA LEU A 10 -3.55 -22.16 6.86
C LEU A 10 -2.88 -21.59 5.62
N ASP A 11 -3.67 -20.92 4.79
CA ASP A 11 -3.19 -20.20 3.61
C ASP A 11 -3.46 -18.73 3.85
N ILE A 12 -2.42 -17.98 4.18
CA ILE A 12 -2.55 -16.56 4.51
C ILE A 12 -2.28 -15.76 3.26
N GLY A 13 -3.32 -15.09 2.75
CA GLY A 13 -3.21 -14.21 1.61
C GLY A 13 -3.40 -12.75 2.00
N ILE A 14 -3.33 -11.90 0.98
CA ILE A 14 -3.46 -10.46 1.23
C ILE A 14 -4.90 -10.03 1.45
N THR A 15 -5.87 -10.82 0.98
CA THR A 15 -7.29 -10.52 1.22
C THR A 15 -8.06 -11.73 1.71
N SER A 16 -7.38 -12.81 2.07
CA SER A 16 -8.08 -14.03 2.47
C SER A 16 -7.19 -14.83 3.41
N VAL A 17 -7.85 -15.65 4.22
CA VAL A 17 -7.21 -16.63 5.08
C VAL A 17 -7.99 -17.92 4.92
N GLY A 18 -7.40 -18.89 4.21
CA GLY A 18 -8.05 -20.18 4.01
C GLY A 18 -7.61 -21.17 5.08
N TYR A 19 -8.58 -21.92 5.60
CA TYR A 19 -8.32 -22.94 6.59
C TYR A 19 -8.82 -24.30 6.09
N GLY A 20 -8.04 -25.34 6.40
CA GLY A 20 -8.41 -26.71 6.10
C GLY A 20 -8.15 -27.63 7.27
N ILE A 21 -9.14 -28.43 7.63
CA ILE A 21 -9.10 -29.30 8.81
C ILE A 21 -9.19 -30.73 8.29
N ILE A 22 -8.12 -31.50 8.45
CA ILE A 22 -8.03 -32.87 7.97
C ILE A 22 -7.81 -33.81 9.15
N ASP A 23 -8.49 -34.95 9.16
CA ASP A 23 -8.34 -35.88 10.26
C ASP A 23 -6.92 -36.43 10.30
N TYR A 24 -6.34 -36.47 11.50
CA TYR A 24 -4.91 -36.79 11.63
C TYR A 24 -4.59 -38.22 11.26
N GLU A 25 -5.50 -39.17 11.54
CA GLU A 25 -5.23 -40.57 11.29
C GLU A 25 -5.92 -41.12 10.05
N THR A 26 -7.09 -40.59 9.68
CA THR A 26 -7.83 -41.11 8.53
C THR A 26 -7.64 -40.27 7.26
N ARG A 27 -6.97 -39.13 7.34
CA ARG A 27 -6.71 -38.23 6.22
C ARG A 27 -7.99 -37.69 5.58
N ASP A 28 -9.13 -37.83 6.24
CA ASP A 28 -10.38 -37.34 5.68
C ASP A 28 -10.57 -35.87 5.99
N VAL A 29 -11.18 -35.15 5.04
CA VAL A 29 -11.38 -33.71 5.19
C VAL A 29 -12.47 -33.47 6.22
N ILE A 30 -12.10 -32.90 7.37
CA ILE A 30 -13.09 -32.59 8.39
C ILE A 30 -13.83 -31.29 8.05
N ASP A 31 -13.10 -30.27 7.63
CA ASP A 31 -13.74 -28.99 7.34
C ASP A 31 -12.82 -28.16 6.44
N ALA A 32 -13.37 -27.07 5.91
CA ALA A 32 -12.59 -26.15 5.07
C ALA A 32 -13.38 -24.87 4.90
N GLY A 33 -12.68 -23.74 4.85
CA GLY A 33 -13.35 -22.47 4.66
C GLY A 33 -12.37 -21.36 4.37
N VAL A 34 -12.92 -20.17 4.12
CA VAL A 34 -12.12 -18.97 3.85
C VAL A 34 -12.68 -17.80 4.63
N ARG A 35 -11.78 -17.01 5.23
CA ARG A 35 -12.13 -15.73 5.84
C ARG A 35 -11.67 -14.63 4.90
N LEU A 36 -12.62 -13.79 4.47
CA LEU A 36 -12.36 -12.79 3.45
C LEU A 36 -12.45 -11.39 4.03
N PHE A 37 -11.51 -10.53 3.60
CA PHE A 37 -11.43 -9.17 4.10
C PHE A 37 -10.79 -8.29 3.03
N LYS A 38 -10.92 -6.98 3.20
CA LYS A 38 -10.36 -6.04 2.25
C LYS A 38 -8.87 -5.85 2.48
N GLU A 39 -8.13 -5.69 1.40
CA GLU A 39 -6.68 -5.49 1.48
C GLU A 39 -6.38 -4.17 2.19
N ALA A 40 -5.60 -4.26 3.26
CA ALA A 40 -5.16 -3.04 3.94
C ALA A 40 -4.26 -2.22 3.01
N ASN A 41 -4.23 -0.92 3.26
CA ASN A 41 -3.42 -0.01 2.46
C ASN A 41 -2.86 1.07 3.37
N VAL A 42 -1.54 1.25 3.32
CA VAL A 42 -0.90 2.28 4.14
C VAL A 42 -1.39 3.67 3.76
N GLU A 43 -1.97 3.83 2.57
CA GLU A 43 -2.39 5.15 2.11
C GLU A 43 -3.60 5.67 2.89
N ASN A 44 -4.42 4.77 3.45
CA ASN A 44 -5.54 5.21 4.27
C ASN A 44 -5.06 5.97 5.50
N ASN A 45 -4.24 5.30 6.33
CA ASN A 45 -3.66 5.96 7.49
C ASN A 45 -2.77 7.12 7.07
N GLU A 46 -2.13 7.03 5.90
CA GLU A 46 -1.32 8.13 5.40
C GLU A 46 -2.16 9.39 5.22
N GLY A 47 -3.27 9.27 4.51
CA GLY A 47 -4.15 10.41 4.32
C GLY A 47 -4.73 10.91 5.63
N ARG A 48 -5.09 9.98 6.53
CA ARG A 48 -5.57 10.38 7.84
C ARG A 48 -4.55 11.25 8.57
N ARG A 49 -3.29 10.80 8.61
CA ARG A 49 -2.25 11.54 9.31
C ARG A 49 -1.97 12.89 8.63
N SER A 50 -1.93 12.90 7.30
CA SER A 50 -1.65 14.15 6.60
C SER A 50 -2.75 15.17 6.84
N LYS A 51 -4.01 14.73 6.84
CA LYS A 51 -5.10 15.66 7.06
C LYS A 51 -5.14 16.13 8.52
N ARG A 52 -4.80 15.24 9.47
CA ARG A 52 -4.68 15.67 10.85
C ARG A 52 -3.62 16.75 11.00
N GLY A 53 -2.46 16.55 10.37
CA GLY A 53 -1.41 17.55 10.43
C GLY A 53 -1.82 18.87 9.79
N ALA A 54 -2.52 18.80 8.66
CA ALA A 54 -2.97 20.03 8.00
C ALA A 54 -3.98 20.77 8.86
N ARG A 55 -4.90 20.04 9.50
CA ARG A 55 -5.83 20.68 10.43
C ARG A 55 -5.09 21.34 11.58
N ARG A 56 -4.07 20.67 12.11
CA ARG A 56 -3.27 21.28 13.18
C ARG A 56 -2.60 22.57 12.70
N LEU A 57 -2.04 22.55 11.50
CA LEU A 57 -1.37 23.74 10.97
C LEU A 57 -2.35 24.90 10.83
N LYS A 58 -3.52 24.64 10.25
CA LYS A 58 -4.52 25.69 10.08
C LYS A 58 -5.01 26.22 11.42
N ARG A 59 -5.26 25.32 12.38
CA ARG A 59 -5.70 25.73 13.71
C ARG A 59 -4.66 26.62 14.39
N ARG A 60 -3.38 26.25 14.29
CA ARG A 60 -2.35 27.03 14.94
C ARG A 60 -2.14 28.38 14.25
N ARG A 61 -2.30 28.43 12.93
CA ARG A 61 -2.27 29.72 12.24
C ARG A 61 -3.38 30.64 12.74
N ARG A 62 -4.62 30.11 12.80
CA ARG A 62 -5.73 30.92 13.29
CA ARG A 62 -5.73 30.92 13.29
C ARG A 62 -5.52 31.34 14.74
N HIS A 63 -4.97 30.45 15.56
CA HIS A 63 -4.74 30.78 16.96
C HIS A 63 -3.68 31.86 17.12
N ARG A 64 -2.63 31.81 16.30
CA ARG A 64 -1.63 32.88 16.32
C ARG A 64 -2.25 34.22 15.94
N ILE A 65 -3.07 34.23 14.89
CA ILE A 65 -3.73 35.47 14.48
C ILE A 65 -4.61 35.99 15.61
N GLN A 66 -5.37 35.10 16.26
CA GLN A 66 -6.26 35.53 17.34
C GLN A 66 -5.48 36.02 18.56
N ARG A 67 -4.31 35.44 18.83
CA ARG A 67 -3.51 35.92 19.94
C ARG A 67 -2.94 37.31 19.67
N VAL A 68 -2.54 37.56 18.42
CA VAL A 68 -2.12 38.91 18.05
C VAL A 68 -3.30 39.88 18.19
N LYS A 69 -4.50 39.44 17.81
CA LYS A 69 -5.70 40.25 17.99
C LYS A 69 -5.92 40.59 19.46
N LYS A 70 -5.76 39.61 20.34
CA LYS A 70 -5.93 39.84 21.77
C LYS A 70 -4.88 40.82 22.29
N LEU A 71 -3.64 40.68 21.84
CA LEU A 71 -2.60 41.62 22.24
C LEU A 71 -2.94 43.04 21.79
N LEU A 72 -3.51 43.18 20.59
CA LEU A 72 -3.89 44.50 20.09
C LEU A 72 -5.04 45.08 20.91
N PHE A 73 -6.05 44.25 21.23
CA PHE A 73 -7.13 44.70 22.09
C PHE A 73 -6.62 45.11 23.46
N ASP A 74 -5.57 44.45 23.95
CA ASP A 74 -4.99 44.78 25.25
C ASP A 74 -4.49 46.23 25.28
N TYR A 75 -3.72 46.61 24.27
CA TYR A 75 -3.16 47.95 24.17
C TYR A 75 -4.09 48.94 23.49
N ASN A 76 -5.36 48.58 23.35
CA ASN A 76 -6.41 49.46 22.82
CA ASN A 76 -6.42 49.45 22.82
C ASN A 76 -6.11 49.93 21.40
N LEU A 77 -5.25 49.23 20.68
CA LEU A 77 -5.06 49.53 19.27
C LEU A 77 -6.15 48.92 18.40
N LEU A 78 -6.90 47.96 18.95
CA LEU A 78 -8.08 47.40 18.32
C LEU A 78 -9.24 47.53 19.29
N THR A 79 -10.37 48.05 18.82
CA THR A 79 -11.60 48.14 19.58
C THR A 79 -12.71 47.41 18.84
N ASP A 80 -13.89 47.35 19.44
CA ASP A 80 -15.04 46.79 18.76
C ASP A 80 -15.55 47.70 17.64
N HIS A 81 -14.98 48.89 17.49
CA HIS A 81 -15.37 49.82 16.43
C HIS A 81 -14.31 50.00 15.37
N SER A 82 -13.14 49.37 15.53
CA SER A 82 -12.09 49.46 14.52
C SER A 82 -12.57 48.88 13.20
N GLU A 83 -12.22 49.54 12.10
CA GLU A 83 -12.54 49.05 10.76
C GLU A 83 -11.28 49.02 9.91
N LEU A 84 -10.94 47.83 9.39
CA LEU A 84 -9.72 47.62 8.64
C LEU A 84 -9.96 47.11 7.22
N SER A 85 -11.19 47.26 6.71
CA SER A 85 -11.54 46.69 5.41
C SER A 85 -10.67 47.25 4.30
N GLY A 86 -10.66 48.56 4.14
CA GLY A 86 -9.96 49.17 3.02
C GLY A 86 -8.46 49.30 3.17
N ILE A 87 -7.90 48.91 4.32
CA ILE A 87 -6.48 49.10 4.56
C ILE A 87 -5.68 48.12 3.72
N ASN A 88 -4.69 48.64 2.99
CA ASN A 88 -3.75 47.80 2.25
C ASN A 88 -2.56 47.48 3.15
N PRO A 89 -2.32 46.21 3.48
CA PRO A 89 -1.28 45.90 4.47
C PRO A 89 0.14 46.19 4.01
N TYR A 90 0.42 46.09 2.70
CA TYR A 90 1.80 46.32 2.24
C TYR A 90 2.17 47.79 2.33
N GLU A 91 1.28 48.67 1.86
CA GLU A 91 1.53 50.11 1.96
C GLU A 91 1.69 50.53 3.41
N ALA A 92 0.80 50.04 4.29
CA ALA A 92 0.89 50.38 5.70
C ALA A 92 2.16 49.84 6.32
N ARG A 93 2.57 48.63 5.94
CA ARG A 93 3.76 48.01 6.52
C ARG A 93 5.02 48.78 6.14
N VAL A 94 5.11 49.24 4.89
CA VAL A 94 6.29 50.02 4.53
C VAL A 94 6.20 51.45 5.07
N LYS A 95 5.00 52.00 5.20
CA LYS A 95 4.86 53.35 5.74
C LYS A 95 5.21 53.41 7.22
N GLY A 96 4.92 52.33 7.95
CA GLY A 96 5.23 52.29 9.37
C GLY A 96 6.70 52.16 9.70
N LEU A 97 7.55 51.92 8.70
CA LEU A 97 8.99 51.95 8.91
C LEU A 97 9.54 53.36 8.88
N SER A 98 8.74 54.35 8.51
CA SER A 98 9.21 55.72 8.41
C SER A 98 8.28 56.75 9.02
N GLN A 99 7.01 56.43 9.28
CA GLN A 99 6.05 57.42 9.77
C GLN A 99 5.07 56.75 10.74
N LYS A 100 4.27 57.57 11.40
CA LYS A 100 3.21 57.06 12.25
C LYS A 100 2.10 56.45 11.41
N LEU A 101 1.56 55.33 11.88
CA LEU A 101 0.43 54.68 11.25
C LEU A 101 -0.84 54.94 12.05
N SER A 102 -1.97 55.00 11.33
CA SER A 102 -3.27 54.90 11.98
C SER A 102 -3.28 53.66 12.87
N GLU A 103 -3.95 53.76 14.03
CA GLU A 103 -4.15 52.59 14.85
C GLU A 103 -4.77 51.46 14.03
N GLU A 104 -5.67 51.81 13.11
CA GLU A 104 -6.30 50.81 12.26
CA GLU A 104 -6.30 50.81 12.26
C GLU A 104 -5.29 50.17 11.32
N GLU A 105 -4.51 50.97 10.60
CA GLU A 105 -3.54 50.39 9.67
C GLU A 105 -2.35 49.77 10.41
N PHE A 106 -2.03 50.27 11.60
CA PHE A 106 -1.00 49.61 12.42
C PHE A 106 -1.46 48.21 12.82
N SER A 107 -2.71 48.10 13.29
CA SER A 107 -3.26 46.79 13.62
C SER A 107 -3.29 45.89 12.39
N ALA A 108 -3.72 46.42 11.25
CA ALA A 108 -3.77 45.61 10.03
C ALA A 108 -2.38 45.13 9.64
N ALA A 109 -1.36 45.98 9.80
CA ALA A 109 0.00 45.59 9.46
C ALA A 109 0.48 44.47 10.37
N LEU A 110 0.28 44.62 11.68
CA LEU A 110 0.70 43.56 12.60
C LEU A 110 -0.03 42.25 12.31
N LEU A 111 -1.32 42.32 12.01
CA LEU A 111 -2.08 41.10 11.71
C LEU A 111 -1.59 40.45 10.42
N HIS A 112 -1.36 41.24 9.38
CA HIS A 112 -0.90 40.69 8.11
C HIS A 112 0.49 40.09 8.24
N LEU A 113 1.35 40.67 9.07
CA LEU A 113 2.63 40.04 9.36
C LEU A 113 2.43 38.72 10.11
N ALA A 114 1.48 38.69 11.04
CA ALA A 114 1.25 37.48 11.83
C ALA A 114 0.69 36.35 10.99
N LYS A 115 -0.06 36.66 9.92
CA LYS A 115 -0.66 35.61 9.12
C LYS A 115 0.39 34.81 8.35
N ARG A 116 1.33 35.49 7.70
CA ARG A 116 2.39 34.86 6.92
C ARG A 116 3.72 35.32 7.49
N ARG A 117 4.39 34.43 8.24
CA ARG A 117 5.59 34.81 8.99
C ARG A 117 6.83 34.01 8.59
N GLY A 118 6.79 33.26 7.50
CA GLY A 118 8.00 32.65 6.96
C GLY A 118 8.46 31.41 7.71
N VAL A 119 9.60 30.89 7.25
CA VAL A 119 10.13 29.60 7.66
C VAL A 119 11.08 29.76 8.84
N HIS A 120 11.03 28.81 9.76
CA HIS A 120 12.06 28.69 10.80
C HIS A 120 13.20 27.81 10.32
N ASN A 121 12.90 26.57 9.93
CA ASN A 121 13.88 25.63 9.41
C ASN A 121 13.26 24.87 8.25
N VAL A 122 14.05 24.73 7.16
CA VAL A 122 13.55 24.06 5.96
C VAL A 122 13.26 22.59 6.23
N ASN A 123 13.96 22.00 7.20
CA ASN A 123 13.71 20.60 7.55
C ASN A 123 12.30 20.37 8.07
N GLU A 124 11.61 21.43 8.50
CA GLU A 124 10.25 21.31 8.98
C GLU A 124 9.23 21.17 7.85
N VAL A 125 9.59 21.54 6.63
CA VAL A 125 8.68 21.51 5.48
C VAL A 125 9.01 20.27 4.66
N GLU A 126 8.11 19.29 4.65
CA GLU A 126 8.21 18.14 3.76
C GLU A 126 7.46 18.50 2.48
N GLU A 127 8.19 18.80 1.41
CA GLU A 127 7.63 19.51 0.27
C GLU A 127 7.89 18.76 -1.03
N ASP A 128 6.98 18.96 -1.97
CA ASP A 128 7.21 18.72 -3.39
C ASP A 128 7.19 20.08 -4.08
N THR A 129 8.36 20.50 -4.59
CA THR A 129 8.55 21.85 -5.10
C THR A 129 7.45 22.31 -6.06
N ASN A 131 6.47 25.98 -6.24
CA ASN A 131 6.20 25.78 -7.66
C ASN A 131 7.48 25.54 -8.46
N GLU A 132 8.06 24.34 -8.28
CA GLU A 132 9.19 23.78 -9.01
C GLU A 132 10.55 24.34 -8.58
N LEU A 133 10.61 25.24 -7.60
CA LEU A 133 11.88 25.73 -7.07
C LEU A 133 11.81 25.68 -5.56
N SER A 134 12.71 24.89 -4.95
CA SER A 134 12.60 24.54 -3.54
C SER A 134 12.49 25.76 -2.65
N THR A 135 11.82 25.60 -1.51
CA THR A 135 11.67 26.69 -0.56
C THR A 135 13.02 27.19 -0.08
N LYS A 136 13.99 26.30 0.12
CA LYS A 136 15.32 26.72 0.53
C LYS A 136 15.96 27.63 -0.52
N GLU A 137 15.87 27.23 -1.79
CA GLU A 137 16.43 28.04 -2.86
C GLU A 137 15.70 29.37 -2.99
N GLN A 138 14.37 29.35 -2.84
CA GLN A 138 13.60 30.59 -2.93
C GLN A 138 13.96 31.53 -1.79
N ILE A 139 14.20 31.00 -0.59
CA ILE A 139 14.62 31.84 0.53
C ILE A 139 16.01 32.42 0.26
N SER A 140 16.91 31.62 -0.33
CA SER A 140 18.22 32.14 -0.72
C SER A 140 18.05 33.32 -1.68
N ARG A 141 17.26 33.14 -2.73
CA ARG A 141 17.01 34.21 -3.70
C ARG A 141 16.45 35.45 -3.01
N ASN A 142 15.43 35.27 -2.17
CA ASN A 142 14.74 36.41 -1.58
C ASN A 142 15.64 37.14 -0.59
N SER A 143 16.46 36.41 0.18
CA SER A 143 17.35 37.06 1.12
C SER A 143 18.48 37.79 0.41
N LYS A 144 18.97 37.24 -0.70
CA LYS A 144 19.91 37.99 -1.52
C LYS A 144 19.26 39.25 -2.09
N ALA A 145 17.97 39.18 -2.38
CA ALA A 145 17.23 40.35 -2.84
C ALA A 145 16.83 41.30 -1.72
N LEU A 146 16.98 40.89 -0.46
CA LEU A 146 16.63 41.71 0.70
C LEU A 146 17.85 42.30 1.38
N GLU A 147 18.94 42.49 0.64
CA GLU A 147 20.17 42.98 1.26
C GLU A 147 20.05 44.43 1.69
N GLU A 148 19.22 45.22 1.02
CA GLU A 148 19.00 46.62 1.38
C GLU A 148 17.52 46.96 1.50
N LYS A 149 16.65 45.95 1.65
CA LYS A 149 15.22 46.14 1.71
C LYS A 149 14.61 45.32 2.84
N TYR A 150 13.41 45.69 3.25
CA TYR A 150 12.57 44.88 4.11
C TYR A 150 11.60 44.07 3.26
N VAL A 151 11.04 43.02 3.86
CA VAL A 151 10.11 42.15 3.14
C VAL A 151 8.94 42.96 2.59
N ALA A 152 8.41 43.87 3.39
CA ALA A 152 7.25 44.65 2.96
C ALA A 152 7.61 45.52 1.75
N GLU A 153 8.81 46.07 1.72
CA GLU A 153 9.21 46.93 0.60
C GLU A 153 9.31 46.13 -0.70
N LEU A 154 9.96 44.97 -0.65
CA LEU A 154 10.06 44.11 -1.82
C LEU A 154 8.69 43.65 -2.28
N GLN A 155 7.83 43.25 -1.33
CA GLN A 155 6.48 42.82 -1.70
C GLN A 155 5.69 43.96 -2.33
N LEU A 156 5.88 45.18 -1.83
CA LEU A 156 5.14 46.32 -2.36
C LEU A 156 5.61 46.66 -3.77
N GLU A 157 6.92 46.62 -4.02
CA GLU A 157 7.36 46.92 -5.39
C GLU A 157 6.99 45.79 -6.33
N ARG A 158 6.93 44.54 -5.85
CA ARG A 158 6.39 43.46 -6.66
C ARG A 158 4.93 43.71 -7.01
N LEU A 159 4.14 44.17 -6.04
CA LEU A 159 2.74 44.47 -6.30
C LEU A 159 2.58 45.62 -7.29
N LYS A 160 3.40 46.66 -7.15
CA LYS A 160 3.25 47.83 -8.00
C LYS A 160 3.76 47.56 -9.41
N LYS A 161 4.75 46.68 -9.57
CA LYS A 161 5.33 46.42 -10.88
C LYS A 161 4.63 45.25 -11.58
N ASP A 162 4.64 44.08 -10.95
CA ASP A 162 4.09 42.88 -11.56
C ASP A 162 2.61 42.66 -11.24
N GLY A 163 2.06 43.35 -10.25
CA GLY A 163 0.67 43.21 -9.89
C GLY A 163 0.36 42.09 -8.92
N GLU A 164 1.34 41.29 -8.53
CA GLU A 164 1.13 40.14 -7.65
C GLU A 164 2.17 40.12 -6.55
N VAL A 165 1.78 39.59 -5.39
CA VAL A 165 2.70 39.35 -4.30
C VAL A 165 2.68 37.87 -3.94
N ARG A 166 1.54 37.22 -4.14
CA ARG A 166 1.32 35.88 -3.63
C ARG A 166 1.73 34.83 -4.65
N GLY A 167 2.22 33.70 -4.15
CA GLY A 167 2.61 32.60 -5.00
C GLY A 167 3.88 31.89 -4.57
N SER A 168 4.63 31.37 -5.55
CA SER A 168 5.85 30.64 -5.22
C SER A 168 6.92 31.57 -4.66
N ILE A 169 7.07 32.76 -5.23
CA ILE A 169 8.15 33.66 -4.83
C ILE A 169 7.89 34.36 -3.51
N ASN A 170 6.73 34.13 -2.89
CA ASN A 170 6.39 34.74 -1.60
C ASN A 170 6.90 33.93 -0.41
N ARG A 171 7.95 33.13 -0.61
CA ARG A 171 8.52 32.30 0.44
C ARG A 171 9.74 33.00 1.02
N PHE A 172 9.56 33.60 2.20
CA PHE A 172 10.64 34.19 2.96
C PHE A 172 10.91 33.34 4.19
N LYS A 173 11.89 33.75 4.99
CA LYS A 173 12.14 33.12 6.27
C LYS A 173 11.76 34.06 7.41
N THR A 174 11.53 33.47 8.58
CA THR A 174 11.03 34.22 9.72
C THR A 174 11.97 35.35 10.12
N SER A 175 13.27 35.19 9.88
CA SER A 175 14.23 36.22 10.27
C SER A 175 13.93 37.56 9.63
N ASP A 176 13.62 37.56 8.33
CA ASP A 176 13.37 38.81 7.62
C ASP A 176 12.09 39.47 8.11
N TYR A 177 11.04 38.67 8.33
CA TYR A 177 9.81 39.20 8.90
C TYR A 177 10.06 39.81 10.28
N VAL A 178 10.90 39.16 11.09
CA VAL A 178 11.20 39.66 12.42
C VAL A 178 11.94 40.99 12.33
N LYS A 179 12.89 41.09 11.41
CA LYS A 179 13.61 42.35 11.20
C LYS A 179 12.63 43.48 10.86
N GLU A 180 11.79 43.25 9.85
CA GLU A 180 10.83 44.28 9.45
C GLU A 180 9.90 44.64 10.60
N ALA A 181 9.42 43.64 11.33
CA ALA A 181 8.46 43.88 12.40
C ALA A 181 9.08 44.69 13.53
N LYS A 182 10.31 44.36 13.93
CA LYS A 182 10.90 45.10 15.04
C LYS A 182 11.31 46.51 14.63
N GLN A 183 11.67 46.72 13.36
CA GLN A 183 11.89 48.10 12.93
C GLN A 183 10.59 48.89 12.92
N LEU A 184 9.52 48.28 12.41
CA LEU A 184 8.20 48.90 12.47
C LEU A 184 7.82 49.24 13.91
N LEU A 185 8.12 48.35 14.84
CA LEU A 185 7.76 48.59 16.24
C LEU A 185 8.60 49.70 16.86
N LYS A 186 9.90 49.72 16.59
CA LYS A 186 10.74 50.79 17.11
C LYS A 186 10.38 52.14 16.51
N VAL A 187 9.76 52.16 15.33
CA VAL A 187 9.25 53.42 14.79
C VAL A 187 7.93 53.80 15.45
N GLN A 188 7.00 52.85 15.55
CA GLN A 188 5.65 53.16 16.01
C GLN A 188 5.55 53.36 17.51
N LYS A 189 6.57 52.93 18.29
CA LYS A 189 6.51 53.12 19.73
C LYS A 189 6.59 54.58 20.13
N ALA A 190 7.12 55.44 19.26
CA ALA A 190 7.19 56.86 19.55
C ALA A 190 5.85 57.57 19.36
N TYR A 191 4.91 56.93 18.65
CA TYR A 191 3.60 57.52 18.40
C TYR A 191 2.46 56.80 19.10
N HIS A 192 2.66 55.57 19.54
CA HIS A 192 1.64 54.79 20.23
C HIS A 192 2.14 54.40 21.61
N GLN A 193 1.23 54.40 22.58
CA GLN A 193 1.59 54.10 23.96
C GLN A 193 1.87 52.60 24.10
N LEU A 194 3.10 52.19 23.80
CA LEU A 194 3.47 50.78 23.79
C LEU A 194 4.39 50.47 24.97
N ASP A 195 4.73 49.19 25.08
CA ASP A 195 5.64 48.66 26.08
C ASP A 195 6.80 47.98 25.39
N GLN A 196 7.85 47.68 26.16
CA GLN A 196 8.81 46.70 25.70
C GLN A 196 8.23 45.30 25.79
N SER A 197 7.36 45.07 26.77
CA SER A 197 6.64 43.81 26.85
C SER A 197 5.76 43.61 25.64
N PHE A 198 5.15 44.69 25.13
CA PHE A 198 4.37 44.59 23.89
C PHE A 198 5.24 44.09 22.75
N ILE A 199 6.43 44.68 22.58
CA ILE A 199 7.30 44.32 21.46
C ILE A 199 7.76 42.88 21.61
N ASP A 200 8.18 42.50 22.82
CA ASP A 200 8.65 41.14 23.06
C ASP A 200 7.53 40.12 22.80
N THR A 201 6.33 40.39 23.31
CA THR A 201 5.22 39.47 23.12
C THR A 201 4.87 39.34 21.64
N TYR A 202 4.83 40.46 20.90
CA TYR A 202 4.48 40.35 19.49
C TYR A 202 5.55 39.62 18.70
N ILE A 203 6.82 39.92 18.95
CA ILE A 203 7.89 39.23 18.21
C ILE A 203 7.87 37.74 18.52
N ASP A 204 7.63 37.39 19.78
CA ASP A 204 7.51 35.98 20.15
C ASP A 204 6.36 35.33 19.39
N LEU A 205 5.18 35.94 19.42
CA LEU A 205 4.04 35.42 18.68
C LEU A 205 4.38 35.24 17.21
N LEU A 206 5.19 36.15 16.66
CA LEU A 206 5.49 36.15 15.24
C LEU A 206 6.44 35.01 14.87
N GLU A 207 7.43 34.73 15.73
CA GLU A 207 8.49 33.79 15.36
C GLU A 207 8.38 32.42 16.02
N THR A 208 7.53 32.26 17.03
CA THR A 208 7.49 31.02 17.80
C THR A 208 6.60 29.96 17.14
N ARG A 209 7.06 28.72 17.20
CA ARG A 209 6.27 27.56 16.77
C ARG A 209 6.75 26.34 17.54
N ARG A 210 6.02 25.25 17.41
CA ARG A 210 6.35 24.03 18.12
C ARG A 210 7.51 23.31 17.44
N THR A 211 8.26 22.55 18.23
CA THR A 211 9.34 21.74 17.71
C THR A 211 8.85 20.31 17.48
N TYR A 212 9.66 19.53 16.76
CA TYR A 212 9.33 18.13 16.54
C TYR A 212 9.29 17.34 17.84
N TYR A 213 10.10 17.75 18.83
CA TYR A 213 10.17 17.02 20.09
C TYR A 213 9.24 17.57 21.15
N GLU A 214 8.57 18.70 20.90
CA GLU A 214 7.57 19.19 21.83
C GLU A 214 6.22 18.52 21.59
N GLY A 215 5.79 18.44 20.34
CA GLY A 215 4.56 17.78 19.99
C GLY A 215 3.34 18.63 20.27
N PRO A 216 2.16 18.05 20.14
CA PRO A 216 0.92 18.79 20.37
C PRO A 216 0.76 19.18 21.84
N GLY A 217 -0.19 20.08 22.08
CA GLY A 217 -0.40 20.63 23.39
C GLY A 217 -1.04 19.63 24.35
N GLU A 218 -1.41 20.16 25.51
CA GLU A 218 -1.95 19.33 26.59
C GLU A 218 -3.27 18.70 26.18
N GLY A 219 -3.44 17.43 26.55
CA GLY A 219 -4.67 16.71 26.28
C GLY A 219 -4.68 15.93 24.98
N SER A 220 -3.57 15.85 24.27
CA SER A 220 -3.55 15.19 22.96
C SER A 220 -3.21 13.72 23.12
N PRO A 221 -3.96 12.82 22.47
CA PRO A 221 -3.57 11.39 22.49
C PRO A 221 -2.30 11.09 21.73
N PHE A 222 -1.79 12.05 20.95
CA PHE A 222 -0.55 11.88 20.20
C PHE A 222 0.64 12.57 20.89
N GLY A 223 0.42 13.21 22.03
CA GLY A 223 1.46 13.99 22.68
C GLY A 223 2.20 13.21 23.74
N TRP A 224 3.10 13.92 24.42
CA TRP A 224 3.93 13.33 25.46
C TRP A 224 4.20 14.37 26.54
N LYS A 225 4.58 13.89 27.73
CA LYS A 225 4.77 14.77 28.87
C LYS A 225 6.09 15.54 28.79
N ASP A 226 7.16 14.88 28.36
CA ASP A 226 8.47 15.52 28.33
C ASP A 226 9.33 14.83 27.26
N ILE A 227 10.62 15.15 27.25
CA ILE A 227 11.50 14.66 26.20
C ILE A 227 11.76 13.16 26.35
N LYS A 228 11.72 12.66 27.59
CA LYS A 228 11.92 11.22 27.81
C LYS A 228 10.77 10.42 27.20
N GLU A 229 9.54 10.84 27.47
CA GLU A 229 8.39 10.17 26.86
C GLU A 229 8.39 10.35 25.35
N TRP A 230 8.86 11.50 24.86
CA TRP A 230 8.99 11.67 23.41
C TRP A 230 9.91 10.61 22.81
N TYR A 231 11.11 10.45 23.39
CA TYR A 231 12.05 9.46 22.89
C TYR A 231 11.47 8.05 22.99
N GLU A 232 10.84 7.73 24.12
CA GLU A 232 10.33 6.37 24.31
C GLU A 232 9.16 6.05 23.39
N MET A 233 8.31 7.03 23.09
CA MET A 233 7.24 6.82 22.13
C MET A 233 7.76 6.79 20.70
N LEU A 234 8.83 7.53 20.42
CA LEU A 234 9.42 7.52 19.08
C LEU A 234 10.10 6.19 18.78
N MET A 235 10.65 5.54 19.79
CA MET A 235 11.41 4.31 19.57
C MET A 235 10.58 3.04 19.75
N GLY A 236 9.74 2.96 20.77
CA GLY A 236 9.04 1.74 21.08
C GLY A 236 9.90 0.80 21.90
N HIS A 237 9.28 -0.30 22.35
CA HIS A 237 9.92 -1.23 23.25
C HIS A 237 10.17 -2.58 22.58
N CYS A 238 11.23 -3.25 23.01
CA CYS A 238 11.63 -4.51 22.42
C CYS A 238 10.57 -5.58 22.68
N THR A 239 10.46 -6.51 21.74
CA THR A 239 9.49 -7.60 21.88
C THR A 239 9.92 -8.57 22.97
N TYR A 240 11.21 -8.87 23.06
CA TYR A 240 11.70 -9.89 23.97
C TYR A 240 12.14 -9.33 25.32
N PHE A 241 12.57 -8.07 25.37
CA PHE A 241 12.94 -7.40 26.61
C PHE A 241 12.11 -6.13 26.69
N PRO A 242 10.91 -6.20 27.28
CA PRO A 242 9.91 -5.14 27.08
C PRO A 242 10.28 -3.79 27.69
N GLU A 243 11.14 -3.77 28.71
CA GLU A 243 11.55 -2.49 29.29
C GLU A 243 12.71 -1.85 28.55
N GLU A 244 13.30 -2.54 27.58
CA GLU A 244 14.31 -1.97 26.72
C GLU A 244 13.65 -1.29 25.52
N LEU A 245 14.27 -0.20 25.06
CA LEU A 245 13.80 0.51 23.89
C LEU A 245 14.47 -0.06 22.64
N ARG A 246 13.75 -0.01 21.53
CA ARG A 246 14.29 -0.48 20.27
C ARG A 246 15.46 0.38 19.83
N SER A 247 16.50 -0.27 19.32
CA SER A 247 17.65 0.46 18.80
C SER A 247 17.26 1.24 17.55
N VAL A 248 18.06 2.28 17.26
CA VAL A 248 17.96 2.90 15.96
C VAL A 248 18.49 1.94 14.90
N LYS A 249 18.07 2.17 13.65
CA LYS A 249 18.41 1.23 12.58
C LYS A 249 19.92 1.23 12.30
N TYR A 250 20.53 2.41 12.22
CA TYR A 250 21.91 2.54 11.78
C TYR A 250 22.90 2.68 12.94
N ALA A 251 22.56 2.13 14.11
CA ALA A 251 23.55 2.03 15.17
C ALA A 251 24.73 1.18 14.71
N TYR A 252 25.90 1.46 15.27
CA TYR A 252 27.10 0.73 14.85
C TYR A 252 26.93 -0.77 15.09
N ASN A 253 26.37 -1.14 16.23
CA ASN A 253 26.27 -2.56 16.57
C ASN A 253 25.27 -3.27 15.67
N ALA A 254 24.27 -2.56 15.16
CA ALA A 254 23.34 -3.18 14.20
C ALA A 254 24.07 -3.51 12.89
N ASP A 255 24.89 -2.58 12.41
CA ASP A 255 25.66 -2.84 11.20
C ASP A 255 26.68 -3.96 11.41
N LEU A 256 27.34 -3.98 12.57
CA LEU A 256 28.25 -5.07 12.88
C LEU A 256 27.51 -6.41 12.95
N TYR A 257 26.28 -6.37 13.47
CA TYR A 257 25.45 -7.57 13.56
C TYR A 257 25.11 -8.11 12.17
N ASN A 258 24.70 -7.21 11.27
CA ASN A 258 24.44 -7.64 9.89
C ASN A 258 25.71 -8.11 9.20
N ALA A 259 26.84 -7.48 9.49
CA ALA A 259 28.10 -7.87 8.84
C ALA A 259 28.56 -9.25 9.30
N LEU A 260 28.46 -9.52 10.61
CA LEU A 260 28.78 -10.85 11.11
C LEU A 260 27.80 -11.88 10.58
N ASN A 261 26.54 -11.49 10.39
CA ASN A 261 25.60 -12.39 9.73
C ASN A 261 26.04 -12.72 8.31
N ASP A 262 26.51 -11.71 7.57
CA ASP A 262 27.03 -11.95 6.23
C ASP A 262 28.24 -12.88 6.25
N LEU A 263 29.14 -12.68 7.21
CA LEU A 263 30.35 -13.49 7.26
C LEU A 263 30.05 -14.93 7.64
N ASN A 264 29.09 -15.15 8.56
CA ASN A 264 28.74 -16.50 8.97
C ASN A 264 27.99 -17.26 7.87
N ASN A 265 27.46 -16.56 6.87
CA ASN A 265 26.78 -17.21 5.76
C ASN A 265 27.74 -17.68 4.67
N LEU A 266 29.00 -17.26 4.72
CA LEU A 266 29.94 -17.61 3.66
C LEU A 266 30.38 -19.07 3.79
N VAL A 267 30.53 -19.73 2.65
CA VAL A 267 31.05 -21.09 2.57
C VAL A 267 32.33 -21.03 1.74
N ILE A 268 33.46 -21.16 2.40
CA ILE A 268 34.77 -21.00 1.76
C ILE A 268 35.31 -22.37 1.40
N THR A 269 35.58 -22.58 0.12
CA THR A 269 36.24 -23.80 -0.33
C THR A 269 37.74 -23.65 -0.11
N ARG A 270 38.29 -24.43 0.81
CA ARG A 270 39.69 -24.35 1.17
C ARG A 270 40.05 -25.60 1.98
N ASP A 271 41.35 -25.79 2.20
CA ASP A 271 41.80 -26.93 2.98
C ASP A 271 41.43 -26.80 4.45
N GLU A 272 41.29 -25.58 4.94
CA GLU A 272 40.94 -25.33 6.33
C GLU A 272 39.43 -25.39 6.50
N ASN A 273 38.94 -24.95 7.65
CA ASN A 273 37.51 -24.94 7.95
C ASN A 273 36.74 -24.19 6.87
N GLU A 274 35.67 -24.81 6.38
CA GLU A 274 34.82 -24.18 5.38
C GLU A 274 34.14 -22.93 5.91
N LYS A 275 34.06 -22.78 7.23
CA LYS A 275 33.43 -21.62 7.86
C LYS A 275 34.48 -20.72 8.48
N LEU A 276 34.25 -19.41 8.41
CA LEU A 276 35.17 -18.46 9.00
C LEU A 276 35.18 -18.58 10.51
N GLU A 277 36.37 -18.50 11.10
CA GLU A 277 36.53 -18.65 12.54
C GLU A 277 36.55 -17.29 13.23
N TYR A 278 36.55 -17.35 14.56
CA TYR A 278 36.47 -16.13 15.37
C TYR A 278 37.58 -15.16 15.02
N TYR A 279 38.83 -15.62 15.02
CA TYR A 279 39.95 -14.76 14.67
C TYR A 279 39.84 -14.29 13.21
N GLU A 280 39.38 -15.17 12.32
CA GLU A 280 39.23 -14.79 10.91
C GLU A 280 38.15 -13.72 10.75
N LYS A 281 37.02 -13.88 11.44
CA LYS A 281 35.96 -12.88 11.35
C LYS A 281 36.41 -11.55 11.94
N PHE A 282 37.15 -11.59 13.05
CA PHE A 282 37.69 -10.36 13.62
C PHE A 282 38.64 -9.68 12.66
N GLN A 283 39.54 -10.46 12.05
CA GLN A 283 40.50 -9.90 11.08
C GLN A 283 39.78 -9.28 9.89
N ILE A 284 38.72 -9.94 9.41
CA ILE A 284 38.00 -9.41 8.25
C ILE A 284 37.25 -8.13 8.62
N ILE A 285 36.63 -8.10 9.80
CA ILE A 285 35.93 -6.89 10.23
C ILE A 285 36.90 -5.73 10.39
N GLU A 286 38.07 -5.98 10.98
CA GLU A 286 39.00 -4.89 11.27
C GLU A 286 39.70 -4.40 10.00
N ASN A 287 40.10 -5.33 9.12
CA ASN A 287 40.96 -4.99 8.00
C ASN A 287 40.19 -4.71 6.70
N VAL A 288 38.94 -5.15 6.60
CA VAL A 288 38.19 -4.96 5.35
C VAL A 288 36.97 -4.08 5.61
N PHE A 289 36.12 -4.48 6.54
CA PHE A 289 34.88 -3.75 6.78
C PHE A 289 35.14 -2.39 7.39
N LYS A 290 36.20 -2.25 8.19
CA LYS A 290 36.53 -0.97 8.80
C LYS A 290 37.50 -0.15 7.97
N GLN A 291 38.02 -0.71 6.88
CA GLN A 291 38.90 0.02 5.97
C GLN A 291 38.23 0.39 4.65
N LYS A 292 37.25 -0.40 4.22
CA LYS A 292 36.51 -0.14 2.98
C LYS A 292 35.08 0.21 3.33
N LYS A 293 34.58 1.32 2.77
CA LYS A 293 33.21 1.73 3.04
C LYS A 293 32.22 0.66 2.58
N LYS A 294 32.39 0.15 1.38
CA LYS A 294 31.56 -0.93 0.86
C LYS A 294 32.44 -2.12 0.53
N PRO A 295 32.54 -3.11 1.42
CA PRO A 295 33.44 -4.25 1.16
C PRO A 295 32.99 -5.08 -0.02
N THR A 296 33.96 -5.59 -0.76
CA THR A 296 33.72 -6.44 -1.92
C THR A 296 34.21 -7.85 -1.65
N LEU A 297 33.77 -8.79 -2.48
CA LEU A 297 34.24 -10.17 -2.37
C LEU A 297 35.75 -10.25 -2.62
N LYS A 298 36.28 -9.39 -3.49
CA LYS A 298 37.71 -9.38 -3.77
C LYS A 298 38.52 -9.11 -2.50
N GLN A 299 38.11 -8.10 -1.73
CA GLN A 299 38.86 -7.72 -0.54
C GLN A 299 38.79 -8.80 0.52
N ILE A 300 37.62 -9.41 0.71
CA ILE A 300 37.47 -10.49 1.69
C ILE A 300 38.33 -11.68 1.29
N ALA A 301 38.31 -12.03 0.00
CA ALA A 301 39.11 -13.16 -0.47
C ALA A 301 40.59 -12.89 -0.31
N LYS A 302 41.02 -11.64 -0.55
CA LYS A 302 42.42 -11.30 -0.36
C LYS A 302 42.80 -11.33 1.13
N GLU A 303 41.85 -11.04 2.01
CA GLU A 303 42.15 -11.04 3.44
C GLU A 303 42.44 -12.45 3.95
N ILE A 304 41.67 -13.45 3.49
CA ILE A 304 41.86 -14.81 3.96
C ILE A 304 42.71 -15.59 2.97
N LEU A 305 43.25 -14.88 1.98
CA LEU A 305 44.22 -15.44 1.03
C LEU A 305 43.63 -16.62 0.25
N VAL A 306 42.42 -16.44 -0.26
CA VAL A 306 41.79 -17.37 -1.16
C VAL A 306 41.35 -16.62 -2.42
N ASN A 307 40.73 -17.34 -3.34
CA ASN A 307 40.22 -16.76 -4.57
C ASN A 307 38.72 -16.57 -4.49
N GLU A 308 38.19 -15.70 -5.35
CA GLU A 308 36.79 -15.32 -5.28
C GLU A 308 35.87 -16.51 -5.54
N GLU A 309 36.25 -17.38 -6.48
CA GLU A 309 35.40 -18.51 -6.82
C GLU A 309 35.25 -19.51 -5.68
N ASP A 310 36.18 -19.50 -4.72
CA ASP A 310 36.12 -20.42 -3.60
C ASP A 310 35.15 -19.99 -2.51
N ILE A 311 34.72 -18.73 -2.52
CA ILE A 311 33.78 -18.22 -1.52
C ILE A 311 32.38 -18.26 -2.10
N LYS A 312 31.45 -18.90 -1.38
CA LYS A 312 30.07 -19.03 -1.80
C LYS A 312 29.15 -18.62 -0.66
N GLY A 313 27.87 -18.42 -1.00
CA GLY A 313 26.88 -18.14 0.02
C GLY A 313 26.79 -16.69 0.45
N TYR A 314 26.86 -15.75 -0.48
CA TYR A 314 26.77 -14.34 -0.19
C TYR A 314 25.52 -13.74 -0.82
N ARG A 315 25.05 -12.64 -0.23
CA ARG A 315 23.95 -11.90 -0.83
C ARG A 315 24.40 -11.25 -2.12
N VAL A 316 23.43 -10.90 -2.96
CA VAL A 316 23.74 -10.44 -4.31
C VAL A 316 22.82 -9.28 -4.68
N THR A 317 23.36 -8.37 -5.47
CA THR A 317 22.61 -7.30 -6.09
C THR A 317 21.78 -7.86 -7.24
N SER A 318 21.08 -6.97 -7.93
CA SER A 318 20.45 -7.40 -9.17
C SER A 318 21.43 -7.31 -10.35
N THR A 319 22.52 -6.55 -10.23
CA THR A 319 23.59 -6.62 -11.21
C THR A 319 24.48 -7.83 -11.02
N GLY A 320 24.18 -8.71 -10.07
CA GLY A 320 24.98 -9.88 -9.82
C GLY A 320 26.20 -9.67 -8.96
N LYS A 321 26.41 -8.46 -8.45
CA LYS A 321 27.60 -8.22 -7.64
C LYS A 321 27.36 -8.66 -6.21
N PRO A 322 28.38 -9.26 -5.56
CA PRO A 322 28.22 -9.66 -4.17
C PRO A 322 28.01 -8.45 -3.27
N GLU A 323 27.04 -8.58 -2.36
CA GLU A 323 26.65 -7.48 -1.48
C GLU A 323 26.96 -7.84 -0.03
N PHE A 324 27.55 -6.89 0.69
CA PHE A 324 27.90 -7.09 2.09
C PHE A 324 27.54 -5.85 2.89
N THR A 325 27.17 -6.07 4.14
CA THR A 325 26.79 -4.96 5.02
C THR A 325 27.94 -3.98 5.17
N ASN A 326 27.62 -2.69 5.11
CA ASN A 326 28.60 -1.63 5.28
C ASN A 326 28.33 -0.92 6.61
N LEU A 327 29.40 -0.70 7.38
CA LEU A 327 29.29 0.00 8.65
C LEU A 327 29.13 1.49 8.35
N LYS A 328 27.89 1.98 8.37
CA LYS A 328 27.61 3.34 7.93
C LYS A 328 28.19 4.37 8.89
N VAL A 329 27.80 4.30 10.16
CA VAL A 329 28.23 5.32 11.11
C VAL A 329 29.73 5.26 11.35
N TYR A 330 30.32 4.06 11.28
CA TYR A 330 31.76 3.93 11.47
C TYR A 330 32.53 4.76 10.45
N HIS A 331 32.20 4.60 9.16
CA HIS A 331 32.88 5.35 8.11
C HIS A 331 32.41 6.80 8.02
N ASP A 332 31.20 7.10 8.52
CA ASP A 332 30.75 8.48 8.56
C ASP A 332 31.54 9.28 9.59
N ILE A 333 31.83 8.68 10.74
CA ILE A 333 32.62 9.37 11.75
C ILE A 333 34.11 9.29 11.42
N LYS A 334 34.55 8.19 10.79
CA LYS A 334 35.96 8.06 10.46
C LYS A 334 36.42 9.10 9.44
N ASP A 335 35.54 9.50 8.52
CA ASP A 335 35.89 10.53 7.56
C ASP A 335 36.05 11.89 8.21
N ILE A 336 35.48 12.09 9.40
CA ILE A 336 35.65 13.33 10.14
C ILE A 336 36.79 13.22 11.14
N THR A 337 36.89 12.10 11.85
CA THR A 337 37.99 11.86 12.77
C THR A 337 38.31 10.38 12.79
N ALA A 338 39.59 10.04 12.64
CA ALA A 338 40.05 8.65 12.69
C ALA A 338 40.54 8.26 14.06
N ARG A 339 40.29 9.07 15.08
CA ARG A 339 40.82 8.82 16.41
C ARG A 339 40.24 7.53 16.98
N LYS A 340 41.13 6.70 17.53
CA LYS A 340 40.73 5.43 18.12
C LYS A 340 39.72 5.62 19.25
N GLU A 341 39.80 6.74 19.97
CA GLU A 341 38.91 6.98 21.10
C GLU A 341 37.47 7.22 20.67
N ILE A 342 37.23 7.48 19.38
CA ILE A 342 35.91 7.80 18.87
C ILE A 342 35.34 6.63 18.07
N ILE A 343 36.00 6.24 16.98
CA ILE A 343 35.43 5.23 16.09
C ILE A 343 35.59 3.82 16.62
N GLU A 344 36.51 3.58 17.55
CA GLU A 344 36.65 2.27 18.17
C GLU A 344 35.94 2.19 19.51
N ASN A 345 34.95 3.06 19.73
CA ASN A 345 34.09 3.03 20.91
C ASN A 345 32.68 2.73 20.40
N ALA A 346 32.29 1.46 20.51
CA ALA A 346 31.03 1.01 19.89
C ALA A 346 29.83 1.73 20.50
N GLU A 347 29.80 1.87 21.82
CA GLU A 347 28.67 2.54 22.47
C GLU A 347 28.62 4.02 22.09
N LEU A 348 29.79 4.65 21.93
CA LEU A 348 29.81 6.04 21.50
C LEU A 348 29.25 6.19 20.09
N LEU A 349 29.60 5.28 19.19
CA LEU A 349 29.05 5.32 17.84
C LEU A 349 27.54 5.03 17.86
N ASP A 350 27.09 4.15 18.75
CA ASP A 350 25.65 3.92 18.91
C ASP A 350 24.94 5.20 19.34
N GLN A 351 25.51 5.91 20.32
N GLN A 351 25.51 5.92 20.31
CA GLN A 351 24.91 7.15 20.78
CA GLN A 351 24.89 7.15 20.78
C GLN A 351 24.91 8.21 19.68
C GLN A 351 24.90 8.21 19.68
N ILE A 352 26.00 8.31 18.92
CA ILE A 352 26.05 9.25 17.81
C ILE A 352 24.99 8.92 16.78
N ALA A 353 24.81 7.63 16.46
CA ALA A 353 23.80 7.23 15.49
C ALA A 353 22.39 7.56 16.01
N LYS A 354 22.13 7.28 17.29
CA LYS A 354 20.83 7.61 17.86
C LYS A 354 20.55 9.10 17.78
N ILE A 355 21.54 9.92 18.13
CA ILE A 355 21.35 11.37 18.11
C ILE A 355 21.14 11.87 16.69
N LEU A 356 21.87 11.31 15.73
CA LEU A 356 21.68 11.70 14.32
C LEU A 356 20.32 11.26 13.81
N THR A 357 19.77 10.16 14.34
CA THR A 357 18.50 9.65 13.84
C THR A 357 17.32 10.41 14.42
N ILE A 358 17.25 10.50 15.75
CA ILE A 358 16.04 11.02 16.39
C ILE A 358 15.97 12.54 16.44
N TYR A 359 17.06 13.24 16.15
CA TYR A 359 17.06 14.70 16.17
C TYR A 359 17.13 15.22 14.73
N GLN A 360 16.34 16.26 14.45
CA GLN A 360 16.12 16.73 13.10
C GLN A 360 16.70 18.13 12.85
N SER A 361 17.65 18.56 13.67
CA SER A 361 18.25 19.88 13.53
C SER A 361 19.75 19.79 13.78
N SER A 362 20.53 20.56 13.01
CA SER A 362 21.96 20.60 13.25
C SER A 362 22.27 21.14 14.63
N GLU A 363 21.53 22.17 15.07
CA GLU A 363 21.78 22.78 16.38
C GLU A 363 21.46 21.80 17.50
N ASP A 364 20.32 21.12 17.41
CA ASP A 364 19.95 20.14 18.43
C ASP A 364 20.92 18.96 18.43
N ILE A 365 21.38 18.54 17.24
CA ILE A 365 22.37 17.48 17.16
C ILE A 365 23.65 17.89 17.87
N GLN A 366 24.12 19.13 17.62
CA GLN A 366 25.32 19.62 18.29
C GLN A 366 25.14 19.65 19.80
N GLU A 367 23.99 20.16 20.26
CA GLU A 367 23.76 20.26 21.69
C GLU A 367 23.72 18.88 22.35
N GLU A 368 23.04 17.93 21.73
CA GLU A 368 22.93 16.60 22.33
C GLU A 368 24.24 15.83 22.23
N LEU A 369 25.07 16.12 21.23
CA LEU A 369 26.39 15.52 21.16
C LEU A 369 27.29 16.05 22.26
N THR A 370 27.28 17.38 22.46
CA THR A 370 28.06 17.96 23.54
C THR A 370 27.59 17.44 24.90
N ASN A 371 26.27 17.31 25.08
CA ASN A 371 25.71 16.82 26.33
C ASN A 371 26.18 15.40 26.65
N LEU A 372 26.59 14.64 25.65
CA LEU A 372 27.38 13.44 25.89
C LEU A 372 28.76 13.87 26.35
N ASN A 373 29.05 13.74 27.64
CA ASN A 373 30.35 14.17 28.15
C ASN A 373 31.42 13.19 27.67
N SER A 374 31.74 13.24 26.37
CA SER A 374 32.61 12.30 25.71
C SER A 374 33.88 13.00 25.24
N GLU A 375 34.72 12.25 24.53
CA GLU A 375 36.03 12.71 24.11
C GLU A 375 36.00 13.41 22.75
N LEU A 376 34.83 13.77 22.24
CA LEU A 376 34.74 14.41 20.93
C LEU A 376 34.98 15.90 21.05
N THR A 377 35.80 16.42 20.14
CA THR A 377 36.09 17.85 20.14
C THR A 377 34.88 18.64 19.62
N GLN A 378 34.93 19.95 19.80
CA GLN A 378 33.82 20.80 19.38
C GLN A 378 33.73 20.86 17.85
N GLU A 379 34.87 20.93 17.16
CA GLU A 379 34.84 20.96 15.71
C GLU A 379 34.41 19.63 15.13
N GLU A 380 34.78 18.53 15.77
CA GLU A 380 34.28 17.22 15.36
C GLU A 380 32.76 17.17 15.44
N ILE A 381 32.20 17.67 16.55
CA ILE A 381 30.76 17.71 16.72
C ILE A 381 30.12 18.60 15.67
N GLU A 382 30.76 19.74 15.38
CA GLU A 382 30.30 20.62 14.32
C GLU A 382 30.18 19.87 13.00
N GLN A 383 31.24 19.17 12.61
CA GLN A 383 31.22 18.44 11.34
C GLN A 383 30.19 17.32 11.35
N ILE A 384 30.04 16.65 12.50
CA ILE A 384 29.12 15.52 12.58
C ILE A 384 27.67 15.98 12.47
N SER A 385 27.37 17.17 12.99
CA SER A 385 25.99 17.67 12.95
C SER A 385 25.44 17.83 11.53
N ASN A 386 26.28 17.78 10.51
CA ASN A 386 25.86 17.98 9.13
C ASN A 386 25.88 16.66 8.35
N LEU A 387 25.52 15.57 8.99
CA LEU A 387 25.46 14.27 8.34
C LEU A 387 24.02 13.95 7.94
N LYS A 388 23.89 13.06 6.96
CA LYS A 388 22.60 12.75 6.35
C LYS A 388 22.45 11.25 6.16
N GLY A 389 21.21 10.79 6.19
CA GLY A 389 20.89 9.41 5.89
C GLY A 389 20.51 8.54 7.07
N TYR A 390 20.31 9.12 8.25
CA TYR A 390 20.07 8.35 9.48
C TYR A 390 18.57 8.36 9.77
N THR A 391 17.89 7.29 9.36
CA THR A 391 16.47 7.12 9.60
C THR A 391 16.20 5.67 9.96
N GLY A 392 15.03 5.44 10.55
CA GLY A 392 14.56 4.10 10.79
C GLY A 392 14.89 3.61 12.20
N THR A 393 14.04 2.72 12.71
CA THR A 393 14.24 2.07 13.99
C THR A 393 14.46 0.58 13.77
N HIS A 394 15.37 0.00 14.55
CA HIS A 394 15.65 -1.43 14.43
C HIS A 394 14.52 -2.23 15.06
N ASN A 395 14.45 -3.50 14.64
CA ASN A 395 13.49 -4.42 15.25
C ASN A 395 13.82 -4.70 16.71
N LEU A 396 15.10 -4.89 17.01
CA LEU A 396 15.57 -5.33 18.31
C LEU A 396 16.06 -4.14 19.14
N SER A 397 16.09 -4.35 20.44
CA SER A 397 16.81 -3.45 21.33
C SER A 397 18.30 -3.69 21.21
N LEU A 398 19.09 -2.75 21.73
CA LEU A 398 20.54 -2.95 21.73
C LEU A 398 20.94 -4.13 22.61
N LYS A 399 20.14 -4.42 23.64
CA LYS A 399 20.43 -5.54 24.53
C LYS A 399 20.38 -6.86 23.76
N ALA A 400 19.28 -7.11 23.06
CA ALA A 400 19.17 -8.31 22.23
C ALA A 400 20.21 -8.31 21.12
N ILE A 401 20.53 -7.13 20.58
CA ILE A 401 21.53 -7.04 19.52
C ILE A 401 22.88 -7.54 20.02
N ASN A 402 23.29 -7.14 21.23
CA ASN A 402 24.57 -7.60 21.77
C ASN A 402 24.50 -9.08 22.17
N LEU A 403 23.36 -9.49 22.74
CA LEU A 403 23.20 -10.90 23.10
C LEU A 403 23.37 -11.81 21.89
N ILE A 404 22.85 -11.38 20.73
CA ILE A 404 23.03 -12.15 19.51
C ILE A 404 24.38 -11.88 18.85
N LEU A 405 24.99 -10.73 19.13
CA LEU A 405 26.34 -10.47 18.66
C LEU A 405 27.33 -11.47 19.24
N ASP A 406 27.12 -11.86 20.49
CA ASP A 406 27.95 -12.90 21.08
C ASP A 406 27.86 -14.20 20.29
N GLU A 407 26.63 -14.64 19.99
CA GLU A 407 26.43 -15.86 19.23
C GLU A 407 26.95 -15.74 17.81
N LEU A 408 26.91 -14.54 17.23
CA LEU A 408 27.45 -14.34 15.89
C LEU A 408 28.98 -14.43 15.90
N TRP A 409 29.61 -13.88 16.93
CA TRP A 409 31.06 -13.94 17.01
C TRP A 409 31.54 -15.37 17.24
N HIS A 410 30.93 -16.08 18.19
CA HIS A 410 31.50 -17.33 18.67
C HIS A 410 30.88 -18.58 18.05
N THR A 411 29.88 -18.43 17.18
CA THR A 411 29.38 -19.55 16.39
C THR A 411 29.35 -19.15 14.93
N ASN A 412 29.03 -20.12 14.08
CA ASN A 412 28.88 -19.87 12.64
C ASN A 412 27.42 -19.81 12.23
N ASP A 413 26.50 -19.81 13.18
CA ASP A 413 25.08 -19.66 12.87
C ASP A 413 24.78 -18.21 12.48
N ASN A 414 23.76 -18.05 11.64
CA ASN A 414 23.32 -16.72 11.24
C ASN A 414 22.17 -16.28 12.16
N GLN A 415 21.54 -15.14 11.84
CA GLN A 415 20.48 -14.62 12.70
C GLN A 415 19.31 -15.59 12.79
N ILE A 416 18.92 -16.18 11.66
CA ILE A 416 17.77 -17.08 11.66
C ILE A 416 18.05 -18.31 12.51
N ALA A 417 19.23 -18.92 12.33
CA ALA A 417 19.58 -20.09 13.11
C ALA A 417 19.73 -19.75 14.60
N ILE A 418 20.32 -18.60 14.91
CA ILE A 418 20.47 -18.20 16.30
C ILE A 418 19.11 -18.01 16.96
N PHE A 419 18.18 -17.36 16.26
CA PHE A 419 16.85 -17.16 16.82
C PHE A 419 16.10 -18.50 16.94
N ASN A 420 16.30 -19.41 16.00
CA ASN A 420 15.66 -20.72 16.07
C ASN A 420 16.20 -21.53 17.24
N ARG A 421 17.49 -21.36 17.56
CA ARG A 421 18.06 -22.12 18.68
C ARG A 421 17.74 -21.48 20.03
N LEU A 422 17.74 -20.16 20.10
CA LEU A 422 17.51 -19.49 21.38
C LEU A 422 16.04 -19.55 21.77
N LYS A 423 15.14 -19.39 20.80
CA LYS A 423 13.69 -19.47 21.01
C LYS A 423 13.24 -18.46 22.07
N LEU A 424 13.51 -17.19 21.78
CA LEU A 424 13.10 -16.11 22.67
C LEU A 424 11.58 -15.97 22.67
N VAL A 425 11.04 -15.62 23.83
CA VAL A 425 9.60 -15.52 24.04
C VAL A 425 9.19 -14.05 24.05
N PRO A 426 8.19 -13.65 23.27
CA PRO A 426 7.66 -12.29 23.39
C PRO A 426 7.09 -12.06 24.80
N LYS A 427 7.60 -11.02 25.45
CA LYS A 427 7.24 -10.75 26.84
C LYS A 427 6.45 -9.46 27.01
N LYS A 428 6.11 -8.76 25.92
CA LYS A 428 5.27 -7.58 26.04
C LYS A 428 3.88 -7.93 26.55
N VAL A 429 3.41 -9.14 26.25
CA VAL A 429 2.19 -9.70 26.82
C VAL A 429 2.55 -11.04 27.44
N ASP A 430 2.08 -11.28 28.64
CA ASP A 430 2.40 -12.51 29.35
C ASP A 430 1.63 -13.66 28.70
N LEU A 431 2.32 -14.42 27.84
CA LEU A 431 1.70 -15.58 27.22
C LEU A 431 1.31 -16.64 28.24
N SER A 432 1.82 -16.53 29.48
CA SER A 432 1.46 -17.47 30.52
C SER A 432 -0.02 -17.38 30.87
N GLN A 433 -0.53 -16.15 31.00
CA GLN A 433 -1.92 -15.90 31.38
C GLN A 433 -2.82 -15.58 30.19
N GLN A 434 -2.51 -16.10 29.01
CA GLN A 434 -3.34 -15.88 27.82
C GLN A 434 -4.20 -17.12 27.55
N LYS A 435 -5.53 -16.94 27.60
CA LYS A 435 -6.44 -18.04 27.32
C LYS A 435 -6.51 -18.37 25.83
N GLU A 436 -6.04 -17.46 24.97
CA GLU A 436 -5.95 -17.73 23.54
C GLU A 436 -4.79 -16.92 22.99
N ILE A 437 -4.47 -17.17 21.72
CA ILE A 437 -3.34 -16.51 21.06
C ILE A 437 -3.61 -15.01 20.99
N PRO A 438 -2.74 -14.18 21.58
CA PRO A 438 -3.00 -12.74 21.56
C PRO A 438 -2.75 -12.14 20.17
N THR A 439 -3.63 -11.22 19.78
CA THR A 439 -3.51 -10.54 18.50
C THR A 439 -2.79 -9.20 18.60
N THR A 440 -2.55 -8.70 19.83
CA THR A 440 -1.94 -7.39 19.98
C THR A 440 -0.45 -7.39 19.66
N LEU A 441 0.21 -8.54 19.75
CA LEU A 441 1.63 -8.60 19.43
C LEU A 441 1.89 -8.25 17.97
N VAL A 442 0.92 -8.51 17.09
CA VAL A 442 1.10 -8.20 15.68
C VAL A 442 1.19 -6.69 15.46
N ASP A 443 0.50 -5.90 16.30
CA ASP A 443 0.57 -4.44 16.17
C ASP A 443 1.98 -3.91 16.39
N ASP A 444 2.82 -4.64 17.12
CA ASP A 444 4.19 -4.19 17.38
C ASP A 444 5.09 -4.36 16.16
N PHE A 445 4.86 -5.41 15.37
CA PHE A 445 5.80 -5.81 14.33
C PHE A 445 5.99 -4.69 13.31
N ILE A 446 7.23 -4.53 12.85
CA ILE A 446 7.53 -3.64 11.75
C ILE A 446 7.19 -4.39 10.47
N LEU A 447 5.95 -4.23 10.00
CA LEU A 447 5.46 -5.02 8.89
C LEU A 447 4.53 -4.17 8.04
N SER A 448 4.33 -4.61 6.81
CA SER A 448 3.36 -3.96 5.95
C SER A 448 1.97 -4.13 6.53
N PRO A 449 1.11 -3.10 6.44
CA PRO A 449 -0.25 -3.23 6.98
C PRO A 449 -1.04 -4.37 6.35
N VAL A 450 -0.74 -4.73 5.11
CA VAL A 450 -1.42 -5.86 4.46
C VAL A 450 -1.14 -7.15 5.24
N VAL A 451 0.15 -7.47 5.40
CA VAL A 451 0.54 -8.67 6.12
C VAL A 451 0.13 -8.57 7.58
N LYS A 452 0.13 -7.37 8.16
CA LYS A 452 -0.34 -7.18 9.53
C LYS A 452 -1.80 -7.62 9.67
N ARG A 453 -2.66 -7.09 8.80
CA ARG A 453 -4.08 -7.43 8.86
C ARG A 453 -4.31 -8.91 8.64
N SER A 454 -3.63 -9.50 7.64
CA SER A 454 -3.81 -10.92 7.36
C SER A 454 -3.26 -11.79 8.49
N PHE A 455 -2.20 -11.36 9.15
CA PHE A 455 -1.68 -12.11 10.29
C PHE A 455 -2.67 -12.08 11.46
N ILE A 456 -3.24 -10.92 11.75
CA ILE A 456 -4.25 -10.83 12.80
C ILE A 456 -5.44 -11.73 12.46
N GLN A 457 -5.90 -11.67 11.21
CA GLN A 457 -7.02 -12.50 10.80
C GLN A 457 -6.71 -13.99 10.95
N SER A 458 -5.49 -14.40 10.55
CA SER A 458 -5.08 -15.80 10.69
C SER A 458 -5.01 -16.22 12.15
N ILE A 459 -4.53 -15.35 13.03
CA ILE A 459 -4.49 -15.67 14.45
C ILE A 459 -5.90 -15.89 14.98
N LYS A 460 -6.83 -15.03 14.57
CA LYS A 460 -8.20 -15.19 15.06
C LYS A 460 -8.88 -16.42 14.46
N VAL A 461 -8.54 -16.77 13.21
CA VAL A 461 -9.05 -18.02 12.62
C VAL A 461 -8.51 -19.22 13.39
N ILE A 462 -7.23 -19.19 13.76
CA ILE A 462 -6.66 -20.27 14.56
C ILE A 462 -7.36 -20.37 15.90
N ASN A 463 -7.61 -19.22 16.54
CA ASN A 463 -8.31 -19.23 17.82
C ASN A 463 -9.69 -19.85 17.70
N ALA A 464 -10.44 -19.46 16.66
CA ALA A 464 -11.78 -20.01 16.49
C ALA A 464 -11.75 -21.50 16.19
N ILE A 465 -10.78 -21.94 15.38
CA ILE A 465 -10.67 -23.36 15.07
C ILE A 465 -10.29 -24.16 16.32
N ILE A 466 -9.42 -23.59 17.16
CA ILE A 466 -9.05 -24.27 18.40
C ILE A 466 -10.25 -24.36 19.32
N LYS A 467 -11.06 -23.30 19.39
CA LYS A 467 -12.25 -23.35 20.22
C LYS A 467 -13.29 -24.34 19.68
N LYS A 468 -13.33 -24.52 18.36
CA LYS A 468 -14.36 -25.38 17.77
C LYS A 468 -13.97 -26.86 17.82
N TYR A 469 -12.75 -27.18 17.41
CA TYR A 469 -12.31 -28.57 17.26
C TYR A 469 -11.26 -28.98 18.29
N GLY A 470 -10.96 -28.13 19.26
CA GLY A 470 -9.92 -28.42 20.21
C GLY A 470 -8.54 -28.09 19.66
N LEU A 471 -7.53 -28.36 20.48
CA LEU A 471 -6.16 -28.06 20.08
C LEU A 471 -5.75 -28.95 18.92
N PRO A 472 -5.17 -28.40 17.86
CA PRO A 472 -4.76 -29.22 16.73
C PRO A 472 -3.50 -30.02 17.04
N ASN A 473 -3.33 -31.11 16.28
CA ASN A 473 -2.11 -31.88 16.35
C ASN A 473 -0.97 -31.15 15.65
N ASP A 474 -1.18 -30.81 14.38
CA ASP A 474 -0.20 -30.08 13.58
C ASP A 474 -0.86 -28.85 12.98
N ILE A 475 -0.07 -27.78 12.86
CA ILE A 475 -0.47 -26.58 12.13
C ILE A 475 0.59 -26.34 11.07
N ILE A 476 0.17 -26.27 9.81
CA ILE A 476 1.06 -25.93 8.71
C ILE A 476 0.53 -24.67 8.04
N ILE A 477 1.42 -23.75 7.75
CA ILE A 477 1.07 -22.40 7.31
C ILE A 477 1.85 -22.07 6.05
N GLU A 478 1.20 -21.39 5.10
CA GLU A 478 1.86 -20.84 3.94
C GLU A 478 1.39 -19.41 3.73
N LEU A 479 2.34 -18.49 3.57
CA LEU A 479 2.06 -17.09 3.33
C LEU A 479 2.24 -16.77 1.85
N ALA A 480 1.32 -15.96 1.31
CA ALA A 480 1.40 -15.57 -0.09
C ALA A 480 2.71 -14.86 -0.40
N ARG A 481 3.17 -14.98 -1.65
CA ARG A 481 4.42 -14.36 -2.05
C ARG A 481 4.26 -12.87 -2.32
N GLU A 482 3.14 -12.49 -2.93
CA GLU A 482 2.92 -11.08 -3.24
C GLU A 482 2.71 -10.27 -1.96
N LYS A 483 3.28 -9.06 -1.94
CA LYS A 483 3.14 -8.17 -0.79
C LYS A 483 1.87 -7.33 -0.85
N ASN A 484 1.30 -7.14 -2.05
CA ASN A 484 0.10 -6.35 -2.22
C ASN A 484 -0.48 -6.67 -3.59
N SER A 485 -1.57 -5.98 -3.94
CA SER A 485 -2.21 -6.21 -5.23
C SER A 485 -1.34 -5.72 -6.38
N LYS A 486 -0.59 -4.63 -6.19
CA LYS A 486 0.32 -4.15 -7.22
C LYS A 486 1.40 -5.20 -7.50
N ASP A 487 1.96 -5.80 -6.46
CA ASP A 487 2.95 -6.86 -6.65
C ASP A 487 2.33 -8.07 -7.36
N ALA A 488 1.08 -8.38 -7.02
CA ALA A 488 0.40 -9.49 -7.70
C ALA A 488 0.24 -9.22 -9.18
N GLN A 489 -0.17 -7.99 -9.54
CA GLN A 489 -0.30 -7.64 -10.94
C GLN A 489 1.05 -7.66 -11.65
N LYS A 490 2.10 -7.21 -10.96
CA LYS A 490 3.45 -7.27 -11.51
C LYS A 490 3.82 -8.70 -11.85
N MET A 491 3.61 -9.63 -10.91
CA MET A 491 3.97 -11.02 -11.13
C MET A 491 3.12 -11.64 -12.24
N ILE A 492 1.83 -11.29 -12.30
CA ILE A 492 0.98 -11.79 -13.37
C ILE A 492 1.50 -11.33 -14.73
N ASN A 493 1.87 -10.05 -14.82
CA ASN A 493 2.37 -9.51 -16.08
C ASN A 493 3.67 -10.20 -16.49
N GLU A 494 4.60 -10.40 -15.54
CA GLU A 494 5.86 -11.04 -15.88
C GLU A 494 5.65 -12.49 -16.32
N MET A 495 4.74 -13.20 -15.65
CA MET A 495 4.47 -14.59 -16.03
C MET A 495 3.83 -14.67 -17.41
N GLN A 496 2.88 -13.78 -17.70
CA GLN A 496 2.31 -13.73 -19.05
C GLN A 496 3.37 -13.41 -20.09
N LYS A 497 4.30 -12.52 -19.75
CA LYS A 497 5.38 -12.17 -20.68
C LYS A 497 6.25 -13.38 -20.98
N ARG A 498 6.67 -14.10 -19.95
CA ARG A 498 7.57 -15.23 -20.18
C ARG A 498 6.84 -16.39 -20.86
N ASN A 499 5.54 -16.56 -20.59
CA ASN A 499 4.76 -17.55 -21.33
C ASN A 499 4.66 -17.17 -22.81
N ARG A 500 4.45 -15.89 -23.09
CA ARG A 500 4.42 -15.41 -24.47
C ARG A 500 5.75 -15.70 -25.17
N GLN A 501 6.87 -15.41 -24.49
CA GLN A 501 8.18 -15.62 -25.10
C GLN A 501 8.45 -17.10 -25.35
N THR A 502 8.13 -17.96 -24.38
CA THR A 502 8.32 -19.39 -24.56
C THR A 502 7.43 -19.92 -25.69
N ASN A 503 6.20 -19.42 -25.78
CA ASN A 503 5.33 -19.83 -26.88
C ASN A 503 5.91 -19.41 -28.23
N GLU A 504 6.47 -18.20 -28.31
CA GLU A 504 7.11 -17.75 -29.54
C GLU A 504 8.27 -18.66 -29.92
N ARG A 505 9.13 -18.99 -28.94
CA ARG A 505 10.28 -19.83 -29.25
C ARG A 505 9.84 -21.23 -29.67
N ILE A 506 8.82 -21.80 -29.01
CA ILE A 506 8.33 -23.12 -29.39
C ILE A 506 7.73 -23.08 -30.80
N GLU A 507 6.96 -22.03 -31.10
CA GLU A 507 6.31 -21.91 -32.40
C GLU A 507 7.36 -21.77 -33.51
N GLU A 508 8.38 -20.97 -33.29
CA GLU A 508 9.36 -20.85 -34.36
C GLU A 508 10.30 -22.05 -34.41
N ILE A 509 10.48 -22.80 -33.31
CA ILE A 509 11.15 -24.09 -33.39
C ILE A 509 10.36 -25.04 -34.29
N ILE A 510 9.04 -25.07 -34.10
CA ILE A 510 8.20 -25.94 -34.93
C ILE A 510 8.26 -25.49 -36.38
N ARG A 511 8.29 -24.18 -36.62
CA ARG A 511 8.36 -23.67 -37.98
C ARG A 511 9.68 -24.05 -38.65
N THR A 512 10.79 -23.89 -37.92
CA THR A 512 12.10 -24.19 -38.51
C THR A 512 12.30 -25.70 -38.70
N THR A 513 11.91 -26.49 -37.70
CA THR A 513 12.19 -27.92 -37.71
C THR A 513 11.06 -28.77 -38.29
N GLY A 514 9.82 -28.26 -38.28
CA GLY A 514 8.71 -28.94 -38.93
C GLY A 514 7.91 -29.86 -38.05
N LYS A 515 8.38 -30.18 -36.85
CA LYS A 515 7.74 -31.15 -35.98
C LYS A 515 7.03 -30.46 -34.83
N GLU A 516 5.79 -30.88 -34.55
CA GLU A 516 5.04 -30.38 -33.41
C GLU A 516 5.47 -30.98 -32.08
N ASN A 517 6.44 -31.90 -32.10
CA ASN A 517 6.92 -32.52 -30.87
C ASN A 517 7.37 -31.48 -29.85
N ALA A 518 7.92 -30.35 -30.32
CA ALA A 518 8.37 -29.30 -29.42
C ALA A 518 7.27 -28.80 -28.50
N LYS A 519 6.01 -28.94 -28.90
CA LYS A 519 4.91 -28.49 -28.05
C LYS A 519 4.87 -29.25 -26.73
N TYR A 520 5.41 -30.47 -26.70
CA TYR A 520 5.39 -31.30 -25.50
C TYR A 520 6.78 -31.52 -24.92
N LEU A 521 7.73 -30.64 -25.23
CA LEU A 521 9.10 -30.77 -24.74
C LEU A 521 9.64 -29.43 -24.26
N ILE A 522 8.78 -28.57 -23.73
CA ILE A 522 9.16 -27.19 -23.46
C ILE A 522 10.22 -27.12 -22.37
N GLU A 523 10.13 -27.99 -21.36
CA GLU A 523 11.12 -27.96 -20.28
C GLU A 523 12.49 -28.40 -20.77
N LYS A 524 12.55 -29.54 -21.48
CA LYS A 524 13.81 -30.01 -22.02
C LYS A 524 14.39 -29.02 -23.02
N ILE A 525 13.53 -28.40 -23.83
CA ILE A 525 13.99 -27.41 -24.81
C ILE A 525 14.56 -26.18 -24.11
N LYS A 526 13.89 -25.70 -23.07
CA LYS A 526 14.39 -24.55 -22.33
C LYS A 526 15.72 -24.86 -21.66
N LEU A 527 15.84 -26.06 -21.09
CA LEU A 527 17.12 -26.45 -20.49
C LEU A 527 18.22 -26.56 -21.54
N HIS A 528 17.88 -27.07 -22.72
CA HIS A 528 18.83 -27.11 -23.83
C HIS A 528 19.29 -25.70 -24.19
N ASP A 529 18.35 -24.76 -24.23
CA ASP A 529 18.69 -23.37 -24.55
C ASP A 529 19.62 -22.79 -23.49
N MET A 530 19.30 -22.98 -22.21
CA MET A 530 20.13 -22.41 -21.15
C MET A 530 21.53 -23.00 -21.14
N GLN A 531 21.67 -24.27 -21.50
CA GLN A 531 22.97 -24.94 -21.50
C GLN A 531 23.68 -24.86 -22.84
N GLU A 532 23.11 -24.15 -23.82
CA GLU A 532 23.70 -24.00 -25.14
C GLU A 532 23.92 -25.36 -25.81
N GLY A 533 22.93 -26.23 -25.70
CA GLY A 533 23.00 -27.53 -26.36
C GLY A 533 24.11 -28.42 -25.86
N LYS A 534 24.42 -28.36 -24.57
CA LYS A 534 25.47 -29.13 -23.95
C LYS A 534 24.89 -29.92 -22.77
N CYS A 535 25.20 -31.20 -22.72
CA CYS A 535 24.97 -32.05 -21.55
C CYS A 535 26.02 -31.72 -20.50
N LEU A 536 25.60 -31.09 -19.40
CA LEU A 536 26.56 -30.50 -18.47
C LEU A 536 27.38 -31.53 -17.71
N TYR A 537 27.06 -32.82 -17.79
CA TYR A 537 27.83 -33.85 -17.10
C TYR A 537 28.87 -34.52 -18.00
N SER A 538 28.64 -34.55 -19.30
CA SER A 538 29.61 -35.08 -20.25
C SER A 538 30.16 -34.02 -21.19
N LEU A 539 29.55 -32.83 -21.23
CA LEU A 539 29.92 -31.72 -22.09
C LEU A 539 29.82 -32.07 -23.58
N GLU A 540 29.22 -33.21 -23.91
CA GLU A 540 28.94 -33.54 -25.28
C GLU A 540 27.78 -32.68 -25.80
N ALA A 541 27.68 -32.60 -27.12
CA ALA A 541 26.63 -31.79 -27.74
C ALA A 541 25.30 -32.53 -27.71
N ILE A 542 24.25 -31.79 -27.38
CA ILE A 542 22.88 -32.32 -27.47
C ILE A 542 22.24 -31.73 -28.72
N PRO A 543 22.26 -32.44 -29.84
CA PRO A 543 21.62 -31.91 -31.05
C PRO A 543 20.13 -31.72 -30.84
N LEU A 544 19.65 -30.52 -31.19
CA LEU A 544 18.22 -30.23 -31.04
C LEU A 544 17.37 -31.21 -31.83
N GLU A 545 17.89 -31.73 -32.95
CA GLU A 545 17.12 -32.67 -33.75
C GLU A 545 16.97 -34.01 -33.03
N ASP A 546 18.04 -34.47 -32.36
CA ASP A 546 17.93 -35.69 -31.58
C ASP A 546 17.00 -35.51 -30.39
N LEU A 547 17.10 -34.38 -29.70
CA LEU A 547 16.20 -34.10 -28.58
C LEU A 547 14.76 -34.06 -29.03
N LEU A 548 14.49 -33.48 -30.21
CA LEU A 548 13.13 -33.37 -30.70
C LEU A 548 12.61 -34.69 -31.26
N ASN A 549 13.49 -35.55 -31.76
CA ASN A 549 13.09 -36.84 -32.32
C ASN A 549 13.07 -37.93 -31.26
N ASN A 550 14.16 -38.07 -30.50
CA ASN A 550 14.30 -39.09 -29.47
C ASN A 550 14.56 -38.39 -28.13
N PRO A 551 13.52 -37.80 -27.53
CA PRO A 551 13.74 -37.04 -26.29
C PRO A 551 14.16 -37.89 -25.11
N PHE A 552 13.92 -39.20 -25.15
CA PHE A 552 14.28 -40.05 -24.02
C PHE A 552 15.75 -40.43 -24.01
N ASN A 553 16.50 -40.08 -25.07
CA ASN A 553 17.95 -40.18 -25.01
C ASN A 553 18.54 -39.19 -24.02
N TYR A 554 17.77 -38.19 -23.61
CA TYR A 554 18.21 -37.16 -22.68
C TYR A 554 17.22 -37.07 -21.54
N GLU A 555 17.72 -36.82 -20.34
CA GLU A 555 16.87 -36.77 -19.16
C GLU A 555 17.15 -35.51 -18.35
N VAL A 556 16.11 -35.03 -17.68
CA VAL A 556 16.22 -33.89 -16.78
C VAL A 556 16.68 -34.42 -15.42
N ASP A 557 17.95 -34.21 -15.11
CA ASP A 557 18.53 -34.63 -13.85
C ASP A 557 18.44 -33.51 -12.84
N HIS A 558 18.21 -33.88 -11.58
CA HIS A 558 18.16 -32.92 -10.47
C HIS A 558 19.55 -32.79 -9.87
N ILE A 559 20.11 -31.57 -9.92
CA ILE A 559 21.52 -31.36 -9.58
C ILE A 559 21.82 -31.88 -8.19
N ILE A 560 21.18 -31.29 -7.18
CA ILE A 560 21.25 -31.83 -5.83
C ILE A 560 20.05 -32.76 -5.67
N PRO A 561 20.27 -34.01 -5.26
CA PRO A 561 19.15 -34.97 -5.18
C PRO A 561 17.99 -34.42 -4.35
N ARG A 562 16.78 -34.65 -4.83
CA ARG A 562 15.60 -34.09 -4.19
C ARG A 562 15.33 -34.72 -2.83
N SER A 563 15.95 -35.87 -2.53
CA SER A 563 15.80 -36.47 -1.21
C SER A 563 16.43 -35.62 -0.12
N VAL A 564 17.38 -34.74 -0.47
CA VAL A 564 18.00 -33.82 0.47
C VAL A 564 17.70 -32.37 0.12
N SER A 565 17.69 -32.04 -1.18
CA SER A 565 17.50 -30.65 -1.59
C SER A 565 16.05 -30.21 -1.49
N PHE A 566 15.10 -31.11 -1.73
CA PHE A 566 13.67 -30.80 -1.76
C PHE A 566 13.36 -29.70 -2.77
N ASP A 567 14.22 -29.52 -3.77
CA ASP A 567 14.07 -28.46 -4.77
C ASP A 567 13.53 -29.06 -6.06
N ASN A 568 12.36 -28.59 -6.48
CA ASN A 568 11.72 -29.04 -7.71
C ASN A 568 11.73 -27.96 -8.79
N SER A 569 12.48 -26.87 -8.58
CA SER A 569 12.43 -25.73 -9.48
C SER A 569 13.45 -25.88 -10.60
N PHE A 570 13.46 -24.90 -11.51
CA PHE A 570 14.40 -24.92 -12.63
C PHE A 570 15.84 -24.82 -12.14
N ASN A 571 16.06 -24.20 -10.99
CA ASN A 571 17.41 -24.01 -10.48
C ASN A 571 18.12 -25.33 -10.19
N ASN A 572 17.36 -26.40 -9.98
CA ASN A 572 17.92 -27.71 -9.63
C ASN A 572 17.68 -28.73 -10.74
N LYS A 573 17.78 -28.29 -12.00
CA LYS A 573 17.52 -29.16 -13.14
C LYS A 573 18.55 -28.90 -14.23
N VAL A 574 19.01 -29.98 -14.86
CA VAL A 574 19.92 -29.91 -15.99
C VAL A 574 19.51 -30.97 -17.00
N LEU A 575 19.49 -30.60 -18.28
CA LEU A 575 19.22 -31.56 -19.34
C LEU A 575 20.52 -32.28 -19.69
N VAL A 576 20.64 -33.54 -19.28
CA VAL A 576 21.87 -34.29 -19.52
C VAL A 576 21.54 -35.52 -20.35
N LYS A 577 22.57 -36.26 -20.77
CA LYS A 577 22.36 -37.52 -21.45
C LYS A 577 21.85 -38.57 -20.46
N GLN A 578 20.97 -39.45 -20.96
CA GLN A 578 20.32 -40.41 -20.08
C GLN A 578 21.33 -41.25 -19.31
N GLU A 579 22.43 -41.64 -19.95
CA GLU A 579 23.43 -42.47 -19.29
C GLU A 579 24.12 -41.71 -18.17
N GLU A 580 24.35 -40.40 -18.35
CA GLU A 580 24.95 -39.60 -17.30
C GLU A 580 24.05 -39.57 -16.07
N ASN A 581 22.75 -39.31 -16.28
CA ASN A 581 21.81 -39.31 -15.16
C ASN A 581 21.75 -40.69 -14.49
N SER A 582 21.77 -41.76 -15.29
CA SER A 582 21.70 -43.10 -14.72
C SER A 582 22.93 -43.40 -13.87
N LYS A 583 24.12 -43.05 -14.38
CA LYS A 583 25.35 -43.32 -13.64
C LYS A 583 25.53 -42.38 -12.45
N LYS A 584 24.88 -41.23 -12.45
CA LYS A 584 25.05 -40.28 -11.36
C LYS A 584 24.37 -40.76 -10.08
N GLY A 585 23.13 -41.23 -10.20
CA GLY A 585 22.43 -41.71 -9.03
C GLY A 585 22.09 -40.58 -8.05
N ASN A 586 21.94 -40.95 -6.78
CA ASN A 586 21.59 -40.00 -5.74
C ASN A 586 22.83 -39.27 -5.24
N ARG A 587 23.59 -38.67 -6.16
CA ARG A 587 24.80 -37.96 -5.82
C ARG A 587 24.73 -36.54 -6.38
N THR A 588 25.71 -35.73 -6.02
CA THR A 588 25.90 -34.40 -6.56
C THR A 588 26.90 -34.44 -7.70
N PRO A 589 26.91 -33.41 -8.55
CA PRO A 589 27.95 -33.36 -9.60
C PRO A 589 29.36 -33.45 -9.04
N PHE A 590 29.63 -32.84 -7.89
CA PHE A 590 30.95 -32.95 -7.28
C PHE A 590 31.27 -34.39 -6.91
N GLN A 591 30.28 -35.12 -6.40
CA GLN A 591 30.52 -36.51 -6.00
C GLN A 591 30.60 -37.43 -7.21
N TYR A 592 29.75 -37.20 -8.23
CA TYR A 592 29.75 -38.08 -9.39
C TYR A 592 30.98 -37.88 -10.25
N LEU A 593 31.42 -36.63 -10.42
CA LEU A 593 32.59 -36.35 -11.23
C LEU A 593 33.89 -36.50 -10.48
N SER A 594 33.84 -36.71 -9.16
CA SER A 594 35.00 -37.12 -8.38
C SER A 594 35.13 -38.63 -8.29
N SER A 595 34.50 -39.37 -9.21
CA SER A 595 34.30 -40.80 -9.07
C SER A 595 34.83 -41.55 -10.29
N SER A 596 34.88 -42.87 -10.17
CA SER A 596 35.28 -43.72 -11.28
C SER A 596 34.20 -43.78 -12.36
N ASP A 597 32.94 -43.55 -11.98
CA ASP A 597 31.84 -43.68 -12.92
C ASP A 597 31.79 -42.54 -13.93
N SER A 598 32.40 -41.40 -13.62
CA SER A 598 32.34 -40.25 -14.49
C SER A 598 33.16 -40.47 -15.76
N LYS A 599 32.91 -39.62 -16.75
CA LYS A 599 33.70 -39.60 -17.98
C LYS A 599 34.62 -38.40 -18.08
N ILE A 600 34.35 -37.33 -17.33
CA ILE A 600 35.17 -36.13 -17.33
C ILE A 600 35.58 -35.83 -15.89
N SER A 601 36.51 -34.89 -15.75
CA SER A 601 36.95 -34.46 -14.44
C SER A 601 35.91 -33.55 -13.79
N TYR A 602 36.14 -33.22 -12.52
CA TYR A 602 35.28 -32.24 -11.87
C TYR A 602 35.72 -30.81 -12.20
N GLU A 603 37.01 -30.61 -12.49
CA GLU A 603 37.51 -29.27 -12.76
C GLU A 603 37.18 -28.80 -14.17
N THR A 604 37.17 -29.72 -15.14
CA THR A 604 36.64 -29.38 -16.46
C THR A 604 35.20 -28.92 -16.35
N PHE A 605 34.38 -29.69 -15.64
CA PHE A 605 32.99 -29.34 -15.40
C PHE A 605 32.86 -27.99 -14.71
N LYS A 606 33.71 -27.74 -13.70
CA LYS A 606 33.65 -26.49 -12.96
C LYS A 606 34.00 -25.29 -13.83
N LYS A 607 35.07 -25.41 -14.62
CA LYS A 607 35.46 -24.35 -15.54
C LYS A 607 34.34 -24.05 -16.52
N HIS A 608 33.76 -25.11 -17.10
CA HIS A 608 32.65 -24.92 -18.05
C HIS A 608 31.48 -24.22 -17.38
N ILE A 609 31.11 -24.66 -16.17
CA ILE A 609 29.98 -24.07 -15.46
C ILE A 609 30.25 -22.61 -15.14
N LEU A 610 31.48 -22.28 -14.77
CA LEU A 610 31.81 -20.90 -14.42
C LEU A 610 31.69 -20.00 -15.65
N ASN A 611 32.33 -20.39 -16.75
CA ASN A 611 32.26 -19.53 -17.94
C ASN A 611 30.85 -19.49 -18.52
N LEU A 612 30.07 -20.54 -18.30
CA LEU A 612 28.69 -20.53 -18.76
C LEU A 612 27.82 -19.64 -17.89
N ALA A 613 28.13 -19.55 -16.59
CA ALA A 613 27.40 -18.66 -15.70
C ALA A 613 27.77 -17.20 -15.93
N LYS A 614 29.00 -16.95 -16.38
CA LYS A 614 29.43 -15.57 -16.59
C LYS A 614 28.62 -14.88 -17.69
N GLY A 615 28.24 -15.61 -18.72
CA GLY A 615 27.69 -15.02 -19.93
C GLY A 615 26.19 -15.05 -20.01
N LYS A 616 25.59 -13.87 -20.14
CA LYS A 616 24.18 -13.67 -20.52
C LYS A 616 23.20 -14.30 -19.54
N GLY A 617 23.63 -14.61 -18.31
CA GLY A 617 22.73 -15.14 -17.31
C GLY A 617 22.00 -16.40 -17.69
N ARG A 618 22.65 -17.29 -18.44
CA ARG A 618 22.06 -18.59 -18.73
C ARG A 618 22.07 -19.50 -17.51
N ILE A 619 22.93 -19.21 -16.54
CA ILE A 619 22.94 -19.87 -15.25
C ILE A 619 22.46 -18.89 -14.19
N SER A 620 21.58 -19.35 -13.31
CA SER A 620 21.23 -18.61 -12.12
C SER A 620 22.26 -18.88 -11.03
N LYS A 621 22.41 -17.92 -10.11
CA LYS A 621 23.34 -18.10 -9.02
C LYS A 621 22.99 -19.35 -8.20
N THR A 622 21.70 -19.57 -7.97
CA THR A 622 21.25 -20.78 -7.30
C THR A 622 21.73 -22.03 -8.04
N LYS A 623 21.59 -22.04 -9.36
CA LYS A 623 22.01 -23.19 -10.15
C LYS A 623 23.52 -23.39 -10.07
N LYS A 624 24.28 -22.28 -10.10
CA LYS A 624 25.74 -22.40 -10.06
C LYS A 624 26.20 -22.93 -8.70
N GLU A 625 25.65 -22.42 -7.61
CA GLU A 625 26.01 -22.94 -6.30
C GLU A 625 25.46 -24.33 -6.05
N TYR A 626 24.46 -24.76 -6.84
CA TYR A 626 24.04 -26.15 -6.82
C TYR A 626 25.07 -27.04 -7.49
N LEU A 627 25.48 -26.67 -8.70
CA LEU A 627 26.39 -27.51 -9.48
C LEU A 627 27.75 -27.65 -8.80
N LEU A 628 28.23 -26.58 -8.16
CA LEU A 628 29.51 -26.60 -7.49
C LEU A 628 29.38 -26.83 -5.99
N GLU A 629 28.28 -27.47 -5.57
CA GLU A 629 28.14 -27.90 -4.18
C GLU A 629 29.14 -29.01 -3.89
N GLU A 630 30.19 -28.67 -3.14
CA GLU A 630 31.26 -29.62 -2.85
C GLU A 630 31.17 -30.20 -1.44
N ARG A 631 30.13 -29.87 -0.69
CA ARG A 631 29.96 -30.43 0.64
C ARG A 631 29.36 -31.84 0.56
N ASP A 632 29.62 -32.63 1.58
CA ASP A 632 29.03 -33.96 1.70
C ASP A 632 27.57 -33.80 2.14
N ILE A 633 26.64 -34.01 1.20
CA ILE A 633 25.22 -33.87 1.52
C ILE A 633 24.73 -34.94 2.49
N ASN A 634 25.58 -35.90 2.84
CA ASN A 634 25.25 -36.83 3.93
C ASN A 634 25.44 -36.20 5.30
N ARG A 635 26.13 -35.06 5.39
CA ARG A 635 26.25 -34.35 6.64
C ARG A 635 24.90 -33.76 7.05
N PHE A 636 24.58 -33.86 8.34
CA PHE A 636 23.28 -33.38 8.81
C PHE A 636 23.14 -31.87 8.70
N SER A 637 24.25 -31.14 8.85
CA SER A 637 24.19 -29.67 8.74
C SER A 637 23.77 -29.25 7.33
N VAL A 638 24.34 -29.90 6.32
CA VAL A 638 24.00 -29.57 4.93
C VAL A 638 22.54 -29.87 4.65
N GLN A 639 22.04 -31.00 5.16
CA GLN A 639 20.64 -31.35 4.96
C GLN A 639 19.73 -30.35 5.67
N LYS A 640 20.10 -29.91 6.88
CA LYS A 640 19.33 -28.89 7.56
C LYS A 640 19.32 -27.60 6.77
N ASP A 641 20.46 -27.22 6.18
CA ASP A 641 20.51 -26.02 5.36
CA ASP A 641 20.51 -26.02 5.36
C ASP A 641 19.56 -26.13 4.16
N PHE A 642 19.58 -27.27 3.48
CA PHE A 642 18.73 -27.45 2.31
C PHE A 642 17.25 -27.44 2.70
N ILE A 643 16.90 -28.05 3.83
CA ILE A 643 15.52 -28.04 4.29
C ILE A 643 15.10 -26.61 4.63
N ASN A 644 15.97 -25.86 5.30
CA ASN A 644 15.63 -24.48 5.66
C ASN A 644 15.51 -23.59 4.42
N ARG A 645 16.22 -23.93 3.34
CA ARG A 645 16.13 -23.10 2.15
C ARG A 645 14.89 -23.44 1.32
N ASN A 646 14.70 -24.71 0.98
CA ASN A 646 13.69 -25.10 0.00
C ASN A 646 12.39 -25.59 0.61
N LEU A 647 12.33 -25.84 1.92
CA LEU A 647 11.14 -26.34 2.56
C LEU A 647 10.50 -25.39 3.56
N VAL A 648 11.26 -24.44 4.10
CA VAL A 648 10.77 -23.52 5.13
C VAL A 648 10.71 -22.11 4.55
N ASP A 649 9.71 -21.35 5.01
CA ASP A 649 9.57 -19.94 4.65
C ASP A 649 10.29 -19.10 5.71
N THR A 650 11.43 -18.52 5.33
CA THR A 650 12.28 -17.79 6.25
C THR A 650 12.19 -16.28 6.10
N ARG A 651 11.12 -15.78 5.47
CA ARG A 651 10.89 -14.35 5.42
C ARG A 651 10.62 -13.81 6.82
N TYR A 652 10.97 -12.54 7.05
CA TYR A 652 10.92 -11.99 8.40
C TYR A 652 9.50 -12.05 8.97
N ALA A 653 8.49 -11.71 8.16
CA ALA A 653 7.12 -11.74 8.66
C ALA A 653 6.71 -13.15 9.05
N THR A 654 7.02 -14.13 8.20
CA THR A 654 6.71 -15.52 8.52
C THR A 654 7.44 -15.96 9.78
N ARG A 655 8.72 -15.58 9.92
CA ARG A 655 9.47 -15.98 11.10
C ARG A 655 8.89 -15.36 12.36
N GLY A 656 8.44 -14.11 12.28
CA GLY A 656 7.81 -13.48 13.44
C GLY A 656 6.52 -14.15 13.84
N LEU A 657 5.65 -14.45 12.86
CA LEU A 657 4.41 -15.15 13.19
C LEU A 657 4.69 -16.53 13.77
N MET A 658 5.64 -17.26 13.18
CA MET A 658 6.01 -18.57 13.70
C MET A 658 6.53 -18.47 15.13
N ASN A 659 7.38 -17.47 15.40
CA ASN A 659 7.90 -17.29 16.75
C ASN A 659 6.77 -17.01 17.73
N LEU A 660 5.83 -16.15 17.36
CA LEU A 660 4.70 -15.86 18.24
C LEU A 660 3.90 -17.13 18.54
N LEU A 661 3.53 -17.88 17.51
CA LEU A 661 2.71 -19.07 17.70
C LEU A 661 3.44 -20.12 18.54
N ARG A 662 4.69 -20.43 18.16
CA ARG A 662 5.46 -21.43 18.87
C ARG A 662 5.72 -21.01 20.30
N SER A 663 5.89 -19.71 20.56
CA SER A 663 6.06 -19.25 21.93
C SER A 663 4.79 -19.41 22.73
N TYR A 664 3.64 -19.06 22.15
CA TYR A 664 2.39 -19.24 22.89
C TYR A 664 2.16 -20.70 23.24
N PHE A 665 2.49 -21.61 22.32
CA PHE A 665 2.30 -23.03 22.61
C PHE A 665 3.36 -23.54 23.59
N ARG A 666 4.59 -23.04 23.49
CA ARG A 666 5.66 -23.44 24.40
C ARG A 666 5.33 -23.03 25.82
N VAL A 667 4.89 -21.79 26.01
CA VAL A 667 4.69 -21.25 27.36
C VAL A 667 3.58 -21.99 28.09
N ASN A 668 2.47 -22.27 27.40
CA ASN A 668 1.33 -22.94 28.02
C ASN A 668 1.45 -24.46 27.98
N ASN A 669 2.63 -24.99 27.61
CA ASN A 669 2.88 -26.43 27.59
C ASN A 669 1.85 -27.17 26.73
N LEU A 670 1.51 -26.58 25.59
CA LEU A 670 0.61 -27.18 24.62
C LEU A 670 1.42 -27.82 23.51
N ASP A 671 1.15 -29.11 23.24
CA ASP A 671 1.91 -29.86 22.24
C ASP A 671 1.23 -29.71 20.88
N VAL A 672 1.50 -28.57 20.24
CA VAL A 672 1.02 -28.29 18.89
C VAL A 672 2.25 -27.97 18.05
N LYS A 673 2.55 -28.81 17.08
CA LYS A 673 3.71 -28.62 16.22
C LYS A 673 3.34 -27.71 15.05
N VAL A 674 4.05 -26.60 14.92
CA VAL A 674 3.76 -25.59 13.92
C VAL A 674 4.91 -25.53 12.92
N LYS A 675 4.58 -25.47 11.64
CA LYS A 675 5.57 -25.32 10.59
C LYS A 675 5.02 -24.44 9.49
N SER A 676 5.91 -23.69 8.83
CA SER A 676 5.57 -22.83 7.72
C SER A 676 6.28 -23.33 6.47
N ILE A 677 5.51 -23.74 5.47
CA ILE A 677 6.05 -24.43 4.31
C ILE A 677 6.43 -23.44 3.23
N ASN A 678 7.47 -23.76 2.48
CA ASN A 678 7.86 -22.96 1.33
C ASN A 678 6.85 -23.11 0.20
N GLY A 679 6.52 -21.99 -0.44
CA GLY A 679 5.46 -22.01 -1.44
C GLY A 679 5.86 -22.68 -2.74
N GLY A 680 7.16 -22.73 -3.05
CA GLY A 680 7.59 -23.47 -4.21
C GLY A 680 7.27 -24.95 -4.09
N PHE A 681 7.47 -25.52 -2.90
CA PHE A 681 7.16 -26.92 -2.68
C PHE A 681 5.66 -27.19 -2.82
N THR A 682 4.83 -26.30 -2.27
CA THR A 682 3.39 -26.50 -2.38
C THR A 682 2.92 -26.31 -3.83
N SER A 683 3.56 -25.41 -4.58
CA SER A 683 3.24 -25.28 -5.99
C SER A 683 3.58 -26.55 -6.75
N PHE A 684 4.76 -27.12 -6.48
CA PHE A 684 5.12 -28.40 -7.06
C PHE A 684 4.09 -29.47 -6.74
N LEU A 685 3.72 -29.58 -5.46
CA LEU A 685 2.75 -30.59 -5.04
C LEU A 685 1.40 -30.39 -5.72
N ARG A 686 0.92 -29.14 -5.75
CA ARG A 686 -0.38 -28.85 -6.36
C ARG A 686 -0.36 -29.16 -7.85
N ARG A 687 0.77 -28.95 -8.52
CA ARG A 687 0.86 -29.25 -9.94
C ARG A 687 0.87 -30.76 -10.17
N LYS A 688 1.72 -31.49 -9.45
CA LYS A 688 1.82 -32.94 -9.65
C LYS A 688 0.54 -33.64 -9.24
N TRP A 689 -0.20 -33.10 -8.28
CA TRP A 689 -1.50 -33.64 -7.92
C TRP A 689 -2.58 -33.27 -8.92
N LYS A 690 -2.22 -32.56 -9.99
CA LYS A 690 -3.09 -32.29 -11.14
C LYS A 690 -4.28 -31.40 -10.76
N PHE A 691 -3.99 -30.33 -10.03
CA PHE A 691 -4.98 -29.26 -9.85
C PHE A 691 -4.89 -28.31 -11.03
N LYS A 692 -6.03 -27.77 -11.44
CA LYS A 692 -6.09 -26.92 -12.62
C LYS A 692 -5.24 -25.67 -12.41
N LYS A 693 -4.64 -25.19 -13.50
CA LYS A 693 -3.84 -23.97 -13.43
C LYS A 693 -4.72 -22.76 -13.15
N GLU A 694 -5.88 -22.69 -13.78
CA GLU A 694 -6.78 -21.55 -13.60
C GLU A 694 -7.58 -21.69 -12.32
N ARG A 695 -7.80 -20.57 -11.65
CA ARG A 695 -8.63 -20.49 -10.44
C ARG A 695 -9.79 -19.57 -10.76
N ASN A 696 -10.89 -20.15 -11.26
CA ASN A 696 -12.00 -19.37 -11.79
C ASN A 696 -13.33 -19.75 -11.17
N LYS A 697 -13.33 -20.38 -9.99
CA LYS A 697 -14.58 -20.80 -9.37
C LYS A 697 -14.70 -20.34 -7.92
N GLY A 698 -14.16 -19.17 -7.61
CA GLY A 698 -14.50 -18.49 -6.37
C GLY A 698 -13.42 -18.56 -5.31
N TYR A 699 -13.82 -18.19 -4.09
CA TYR A 699 -12.91 -18.13 -2.97
C TYR A 699 -12.50 -19.51 -2.46
N LYS A 700 -13.24 -20.56 -2.85
CA LYS A 700 -12.96 -21.90 -2.33
C LYS A 700 -11.52 -22.32 -2.59
N HIS A 701 -10.91 -21.77 -3.66
CA HIS A 701 -9.50 -22.07 -3.93
C HIS A 701 -8.63 -21.80 -2.72
N HIS A 702 -8.84 -20.66 -2.06
CA HIS A 702 -8.08 -20.33 -0.86
C HIS A 702 -8.21 -21.43 0.19
N ALA A 703 -9.42 -21.96 0.37
CA ALA A 703 -9.58 -23.10 1.28
C ALA A 703 -8.90 -24.34 0.72
N GLU A 704 -9.07 -24.58 -0.59
CA GLU A 704 -8.44 -25.71 -1.24
C GLU A 704 -6.95 -25.77 -0.93
N ASP A 705 -6.24 -24.68 -1.21
CA ASP A 705 -4.82 -24.59 -0.90
C ASP A 705 -4.53 -25.01 0.53
N ALA A 706 -5.33 -24.50 1.48
CA ALA A 706 -5.19 -24.89 2.88
C ALA A 706 -5.17 -26.40 3.01
N LEU A 707 -6.24 -27.05 2.55
CA LEU A 707 -6.31 -28.51 2.58
C LEU A 707 -5.07 -29.11 1.94
N ILE A 708 -4.65 -28.57 0.79
CA ILE A 708 -3.48 -29.08 0.09
C ILE A 708 -2.28 -29.12 1.04
N ILE A 709 -1.96 -27.98 1.65
CA ILE A 709 -0.79 -27.97 2.51
C ILE A 709 -1.03 -28.85 3.73
N ALA A 710 -2.27 -28.89 4.22
CA ALA A 710 -2.61 -29.84 5.28
C ALA A 710 -2.25 -31.25 4.84
N ASN A 711 -2.69 -31.63 3.63
CA ASN A 711 -2.32 -32.93 3.08
C ASN A 711 -0.81 -33.09 3.08
N ALA A 712 -0.08 -32.06 2.66
CA ALA A 712 1.38 -32.13 2.67
C ALA A 712 1.90 -32.43 4.06
N ASP A 713 1.36 -31.74 5.07
CA ASP A 713 1.77 -32.00 6.45
C ASP A 713 1.59 -33.47 6.79
N PHE A 714 0.47 -34.05 6.37
CA PHE A 714 0.20 -35.47 6.58
C PHE A 714 1.39 -36.31 6.14
N ILE A 715 1.90 -36.05 4.93
CA ILE A 715 3.02 -36.83 4.41
C ILE A 715 4.18 -36.80 5.38
N PHE A 716 4.54 -35.61 5.87
CA PHE A 716 5.72 -35.48 6.70
C PHE A 716 5.58 -36.18 8.04
N LYS A 717 4.37 -36.62 8.41
CA LYS A 717 4.20 -37.39 9.62
C LYS A 717 4.12 -38.89 9.37
N GLU A 718 3.83 -39.29 8.13
CA GLU A 718 3.56 -40.70 7.86
C GLU A 718 4.82 -41.52 7.70
N TRP A 719 5.90 -40.92 7.21
CA TRP A 719 7.12 -41.62 6.88
C TRP A 719 8.23 -41.22 7.84
N LYS A 720 8.90 -42.22 8.42
CA LYS A 720 10.00 -41.94 9.33
C LYS A 720 11.22 -41.40 8.58
N LYS A 721 11.39 -41.80 7.32
CA LYS A 721 12.50 -41.30 6.52
C LYS A 721 12.40 -39.81 6.21
N LEU A 722 11.27 -39.18 6.52
CA LEU A 722 11.12 -37.73 6.40
C LEU A 722 11.30 -37.02 7.74
N ASP A 723 11.56 -37.78 8.81
CA ASP A 723 11.55 -37.23 10.16
C ASP A 723 12.40 -35.98 10.29
N LYS A 724 13.64 -36.04 9.78
CA LYS A 724 14.52 -34.88 9.82
C LYS A 724 13.82 -33.63 9.30
N ALA A 725 13.31 -33.70 8.06
CA ALA A 725 12.55 -32.58 7.52
C ALA A 725 11.44 -32.18 8.46
N LYS A 726 10.65 -33.15 8.92
CA LYS A 726 9.54 -32.87 9.81
C LYS A 726 10.00 -32.12 11.04
N LYS A 727 11.19 -32.44 11.55
CA LYS A 727 11.68 -31.79 12.76
C LYS A 727 12.36 -30.46 12.47
N VAL A 728 12.84 -30.25 11.26
CA VAL A 728 13.41 -28.95 10.93
C VAL A 728 12.31 -27.94 10.65
N MET A 729 11.26 -28.37 9.94
CA MET A 729 10.13 -27.48 9.70
C MET A 729 9.42 -27.11 10.99
N GLU A 730 9.39 -28.03 11.96
CA GLU A 730 8.82 -27.74 13.27
C GLU A 730 9.79 -27.05 14.20
N ASN A 731 11.03 -26.81 13.77
CA ASN A 731 12.09 -26.25 14.60
C ASN A 731 12.25 -27.04 15.90
N GLN A 732 12.42 -28.35 15.75
CA GLN A 732 12.69 -29.24 16.87
C GLN A 732 14.07 -29.85 16.70
N MET A 733 14.78 -30.01 17.81
CA MET A 733 16.10 -30.62 17.77
C MET A 733 15.97 -32.10 17.42
N PHE A 734 16.60 -32.50 16.32
CA PHE A 734 16.56 -33.88 15.86
C PHE A 734 17.63 -34.70 16.58
N GLU A 735 17.25 -35.92 16.97
CA GLU A 735 18.16 -36.80 17.71
C GLU A 735 19.37 -37.19 16.88
N SER A 741 20.46 -45.59 13.11
CA SER A 741 20.11 -46.26 11.85
C SER A 741 18.82 -45.68 11.26
N MET A 742 18.84 -44.39 10.98
CA MET A 742 17.65 -43.73 10.47
C MET A 742 17.39 -44.09 9.02
N PRO A 743 16.14 -44.37 8.64
CA PRO A 743 15.82 -44.52 7.21
C PRO A 743 15.92 -43.19 6.49
N GLU A 744 16.00 -43.26 5.17
CA GLU A 744 16.09 -42.06 4.36
C GLU A 744 15.65 -42.37 2.93
N ILE A 745 15.08 -41.38 2.27
CA ILE A 745 14.77 -41.49 0.86
C ILE A 745 16.07 -41.63 0.09
N GLU A 746 16.25 -42.76 -0.59
CA GLU A 746 17.53 -43.07 -1.21
C GLU A 746 17.57 -42.76 -2.70
N THR A 747 16.43 -42.67 -3.39
CA THR A 747 16.41 -42.42 -4.81
C THR A 747 15.35 -41.37 -5.12
N GLU A 748 15.42 -40.86 -6.36
CA GLU A 748 14.42 -39.88 -6.79
C GLU A 748 13.09 -40.54 -7.09
N GLN A 749 13.09 -41.80 -7.52
CA GLN A 749 11.84 -42.52 -7.70
C GLN A 749 11.10 -42.66 -6.37
N GLU A 750 11.85 -42.92 -5.29
CA GLU A 750 11.24 -42.98 -3.96
C GLU A 750 10.68 -41.62 -3.56
N TYR A 751 11.41 -40.55 -3.89
CA TYR A 751 10.94 -39.19 -3.61
C TYR A 751 9.60 -38.92 -4.31
N LYS A 752 9.52 -39.28 -5.60
CA LYS A 752 8.29 -39.08 -6.34
C LYS A 752 7.17 -39.97 -5.81
N GLU A 753 7.50 -41.18 -5.37
CA GLU A 753 6.50 -42.05 -4.76
C GLU A 753 5.96 -41.42 -3.48
N ILE A 754 6.82 -40.74 -2.72
CA ILE A 754 6.39 -40.14 -1.45
C ILE A 754 5.51 -38.92 -1.70
N PHE A 755 5.90 -38.07 -2.65
CA PHE A 755 5.26 -36.77 -2.79
C PHE A 755 4.28 -36.65 -3.95
N ILE A 756 4.50 -37.37 -5.06
CA ILE A 756 3.63 -37.19 -6.21
C ILE A 756 2.36 -38.03 -6.12
N THR A 757 2.42 -39.16 -5.38
CA THR A 757 1.29 -40.06 -5.26
C THR A 757 0.05 -39.30 -4.75
N PRO A 758 -1.04 -39.27 -5.52
CA PRO A 758 -2.21 -38.43 -5.19
C PRO A 758 -3.09 -39.02 -4.09
N HIS A 759 -2.54 -39.07 -2.88
CA HIS A 759 -3.27 -39.60 -1.73
C HIS A 759 -4.40 -38.65 -1.37
N GLN A 760 -5.64 -39.11 -1.51
CA GLN A 760 -6.85 -38.39 -1.10
C GLN A 760 -7.03 -37.08 -1.88
N ILE A 761 -6.42 -36.96 -3.06
CA ILE A 761 -6.55 -35.73 -3.83
C ILE A 761 -7.94 -35.62 -4.44
N LYS A 762 -8.47 -36.73 -4.98
CA LYS A 762 -9.83 -36.71 -5.49
C LYS A 762 -10.83 -36.43 -4.38
N HIS A 763 -10.58 -36.97 -3.19
CA HIS A 763 -11.47 -36.70 -2.07
CA HIS A 763 -11.44 -36.71 -2.04
C HIS A 763 -11.45 -35.23 -1.68
N ILE A 764 -10.29 -34.57 -1.82
CA ILE A 764 -10.22 -33.13 -1.58
C ILE A 764 -10.96 -32.37 -2.67
N LYS A 765 -10.85 -32.83 -3.92
CA LYS A 765 -11.54 -32.16 -5.02
C LYS A 765 -13.05 -32.38 -4.95
N ASP A 766 -13.50 -33.47 -4.33
CA ASP A 766 -14.93 -33.75 -4.21
C ASP A 766 -15.58 -33.02 -3.05
N PHE A 767 -14.81 -32.32 -2.22
CA PHE A 767 -15.37 -31.63 -1.07
C PHE A 767 -16.27 -30.49 -1.53
N LYS A 768 -17.46 -30.39 -0.92
CA LYS A 768 -18.44 -29.41 -1.31
C LYS A 768 -18.93 -28.52 -0.17
N ASP A 769 -18.64 -28.86 1.09
CA ASP A 769 -19.15 -28.11 2.23
C ASP A 769 -18.20 -27.00 2.65
N TYR A 770 -17.84 -26.13 1.71
CA TYR A 770 -17.00 -24.97 2.01
C TYR A 770 -17.81 -23.90 2.73
N LYS A 771 -17.13 -23.19 3.62
CA LYS A 771 -17.73 -22.09 4.38
C LYS A 771 -16.98 -20.80 4.08
N TYR A 772 -17.70 -19.68 4.16
CA TYR A 772 -17.13 -18.38 3.84
C TYR A 772 -17.53 -17.37 4.89
N SER A 773 -16.57 -16.52 5.27
CA SER A 773 -16.79 -15.45 6.24
C SER A 773 -16.30 -14.15 5.64
N HIS A 774 -17.20 -13.18 5.50
CA HIS A 774 -16.85 -11.84 5.02
C HIS A 774 -16.81 -10.87 6.19
N ARG A 775 -15.75 -10.08 6.27
CA ARG A 775 -15.58 -9.14 7.37
C ARG A 775 -16.54 -7.97 7.20
N VAL A 776 -17.39 -7.75 8.19
CA VAL A 776 -18.35 -6.65 8.18
C VAL A 776 -17.67 -5.39 8.69
N ASP A 777 -18.02 -4.25 8.10
CA ASP A 777 -17.47 -2.95 8.49
C ASP A 777 -18.58 -2.11 9.13
N LYS A 778 -18.48 -1.89 10.43
CA LYS A 778 -19.41 -1.04 11.17
C LYS A 778 -18.75 0.22 11.70
N LYS A 779 -17.54 0.53 11.27
CA LYS A 779 -16.79 1.62 11.86
C LYS A 779 -17.45 2.97 11.56
N PRO A 780 -17.81 3.75 12.57
CA PRO A 780 -18.27 5.11 12.32
C PRO A 780 -17.10 6.07 12.13
N ASN A 781 -17.43 7.29 11.71
CA ASN A 781 -16.45 8.34 11.49
C ASN A 781 -15.37 7.92 10.49
N ARG A 782 -15.82 7.39 9.36
CA ARG A 782 -14.96 7.27 8.19
C ARG A 782 -15.07 8.58 7.40
N GLU A 783 -14.58 8.59 6.17
CA GLU A 783 -14.76 9.76 5.33
C GLU A 783 -16.24 10.09 5.19
N LEU A 784 -16.59 11.33 5.50
CA LEU A 784 -17.99 11.75 5.49
C LEU A 784 -18.41 12.39 4.17
N ILE A 785 -17.49 13.07 3.50
CA ILE A 785 -17.82 13.83 2.30
C ILE A 785 -16.54 13.98 1.48
N ASN A 786 -16.70 14.28 0.20
CA ASN A 786 -15.55 14.42 -0.69
C ASN A 786 -14.76 15.68 -0.36
N ASP A 787 -13.57 15.79 -0.96
CA ASP A 787 -12.68 16.91 -0.67
C ASP A 787 -13.08 18.16 -1.44
N THR A 788 -13.50 18.01 -2.70
CA THR A 788 -13.66 19.16 -3.58
C THR A 788 -14.76 20.09 -3.08
N LEU A 789 -14.44 21.37 -3.04
CA LEU A 789 -15.36 22.41 -2.60
C LEU A 789 -15.95 23.10 -3.82
N TYR A 790 -17.25 22.96 -4.02
CA TYR A 790 -17.92 23.43 -5.22
C TYR A 790 -18.80 24.65 -4.92
N SER A 791 -18.86 25.55 -5.90
CA SER A 791 -19.86 26.60 -5.93
C SER A 791 -20.86 26.27 -7.03
N THR A 792 -22.07 26.82 -6.90
CA THR A 792 -23.17 26.44 -7.77
C THR A 792 -23.85 27.68 -8.35
N ARG A 793 -24.56 27.48 -9.45
CA ARG A 793 -25.38 28.50 -10.07
C ARG A 793 -26.80 27.96 -10.23
N LYS A 794 -27.75 28.88 -10.43
CA LYS A 794 -29.13 28.52 -10.70
C LYS A 794 -29.48 28.95 -12.11
N ASP A 795 -29.77 27.99 -12.99
CA ASP A 795 -30.00 28.28 -14.39
C ASP A 795 -31.40 28.85 -14.60
N ASP A 796 -31.74 29.09 -15.87
CA ASP A 796 -33.01 29.70 -16.21
C ASP A 796 -34.19 28.81 -15.83
N LYS A 797 -34.03 27.49 -15.99
CA LYS A 797 -35.10 26.54 -15.77
C LYS A 797 -35.28 26.17 -14.30
N GLY A 798 -34.55 26.81 -13.38
CA GLY A 798 -34.74 26.58 -11.96
C GLY A 798 -33.90 25.47 -11.35
N ASN A 799 -33.03 24.83 -12.12
CA ASN A 799 -32.15 23.81 -11.58
C ASN A 799 -30.88 24.45 -11.02
N THR A 800 -30.13 23.66 -10.27
CA THR A 800 -28.86 24.10 -9.69
C THR A 800 -27.72 23.32 -10.35
N LEU A 801 -26.85 24.03 -11.05
CA LEU A 801 -25.71 23.44 -11.73
C LEU A 801 -24.44 23.65 -10.92
N ILE A 802 -23.57 22.64 -10.95
CA ILE A 802 -22.27 22.70 -10.30
C ILE A 802 -21.28 23.36 -11.25
N VAL A 803 -20.41 24.19 -10.71
CA VAL A 803 -19.41 24.92 -11.49
C VAL A 803 -18.07 24.20 -11.36
N ASN A 804 -17.50 23.79 -12.49
CA ASN A 804 -16.19 23.18 -12.52
C ASN A 804 -15.16 24.20 -13.03
N ASN A 805 -13.92 23.99 -12.64
CA ASN A 805 -12.80 24.81 -13.09
C ASN A 805 -11.95 24.03 -14.08
N LEU A 806 -11.42 24.75 -15.06
CA LEU A 806 -10.52 24.18 -16.07
C LEU A 806 -9.16 24.85 -15.90
N ASN A 807 -8.15 24.05 -15.59
CA ASN A 807 -6.79 24.49 -15.33
C ASN A 807 -5.86 23.98 -16.42
N GLY A 808 -4.58 24.36 -16.30
CA GLY A 808 -3.59 23.95 -17.29
C GLY A 808 -3.99 24.28 -18.71
N LEU A 809 -4.53 25.48 -18.93
CA LEU A 809 -5.04 25.85 -20.25
C LEU A 809 -3.93 25.84 -21.30
N TYR A 810 -2.69 26.07 -20.89
CA TYR A 810 -1.56 26.16 -21.80
C TYR A 810 -0.65 24.94 -21.71
N ASP A 811 -1.20 23.80 -21.30
CA ASP A 811 -0.45 22.56 -21.24
C ASP A 811 -0.45 21.87 -22.61
N LYS A 812 0.67 21.23 -22.94
CA LYS A 812 0.82 20.66 -24.27
C LYS A 812 -0.21 19.58 -24.57
N ASP A 813 -0.65 18.84 -23.56
CA ASP A 813 -1.50 17.68 -23.75
C ASP A 813 -2.96 17.91 -23.35
N ASN A 814 -3.31 19.07 -22.82
CA ASN A 814 -4.65 19.32 -22.32
C ASN A 814 -5.54 19.77 -23.47
N ASP A 815 -6.37 18.86 -23.98
CA ASP A 815 -7.31 19.16 -25.05
C ASP A 815 -8.74 19.32 -24.56
N LYS A 816 -8.93 19.43 -23.24
CA LYS A 816 -10.27 19.46 -22.69
C LYS A 816 -11.02 20.74 -23.07
N LEU A 817 -10.32 21.88 -23.05
CA LEU A 817 -10.97 23.13 -23.43
C LEU A 817 -11.34 23.13 -24.91
N LYS A 818 -10.49 22.56 -25.75
CA LYS A 818 -10.81 22.44 -27.18
C LYS A 818 -12.03 21.55 -27.39
N LYS A 819 -12.07 20.40 -26.72
CA LYS A 819 -13.23 19.52 -26.78
C LYS A 819 -14.49 20.25 -26.33
N LEU A 820 -14.40 20.99 -25.24
CA LEU A 820 -15.56 21.69 -24.70
C LEU A 820 -16.04 22.78 -25.66
N ILE A 821 -15.11 23.53 -26.24
CA ILE A 821 -15.50 24.62 -27.15
C ILE A 821 -16.11 24.04 -28.42
N ASN A 822 -15.58 22.92 -28.92
CA ASN A 822 -16.12 22.36 -30.15
C ASN A 822 -17.46 21.67 -29.92
N LYS A 823 -17.67 21.07 -28.74
CA LYS A 823 -18.89 20.31 -28.49
C LYS A 823 -19.98 21.16 -27.86
N SER A 824 -19.68 21.80 -26.73
CA SER A 824 -20.68 22.54 -25.95
C SER A 824 -20.08 23.84 -25.45
N PRO A 825 -20.06 24.87 -26.31
CA PRO A 825 -19.53 26.17 -25.87
C PRO A 825 -20.37 26.83 -24.78
N GLU A 826 -21.68 26.60 -24.78
CA GLU A 826 -22.58 27.25 -23.84
C GLU A 826 -22.32 26.85 -22.39
N LYS A 827 -21.57 25.78 -22.15
CA LYS A 827 -21.27 25.40 -20.77
C LYS A 827 -20.25 26.32 -20.13
N LEU A 828 -19.45 27.02 -20.93
CA LEU A 828 -18.52 28.00 -20.37
C LEU A 828 -19.28 29.20 -19.81
N LEU A 829 -18.84 29.70 -18.67
CA LEU A 829 -19.49 30.85 -18.06
C LEU A 829 -19.17 32.13 -18.83
N MET A 830 -17.95 32.24 -19.35
CA MET A 830 -17.58 33.38 -20.19
C MET A 830 -18.40 33.42 -21.48
N TYR A 831 -18.95 32.28 -21.90
CA TYR A 831 -19.82 32.29 -23.08
C TYR A 831 -21.02 33.20 -22.88
N HIS A 832 -21.61 33.17 -21.69
CA HIS A 832 -22.78 33.99 -21.41
C HIS A 832 -22.43 35.34 -20.82
N HIS A 833 -21.35 35.43 -20.03
CA HIS A 833 -21.09 36.64 -19.24
C HIS A 833 -19.91 37.45 -19.74
N ASP A 834 -19.20 36.99 -20.77
CA ASP A 834 -18.13 37.77 -21.38
C ASP A 834 -17.94 37.31 -22.82
N PRO A 835 -18.88 37.64 -23.71
CA PRO A 835 -18.82 37.04 -25.06
C PRO A 835 -17.61 37.46 -25.86
N GLN A 836 -17.04 38.64 -25.61
CA GLN A 836 -15.91 39.10 -26.41
C GLN A 836 -14.64 38.32 -26.08
N THR A 837 -14.41 38.03 -24.80
CA THR A 837 -13.30 37.15 -24.44
C THR A 837 -13.50 35.75 -25.01
N TYR A 838 -14.74 35.26 -25.02
CA TYR A 838 -15.00 33.96 -25.63
C TYR A 838 -14.73 33.99 -27.13
N GLN A 839 -15.00 35.12 -27.80
CA GLN A 839 -14.71 35.22 -29.22
C GLN A 839 -13.21 35.24 -29.46
N LYS A 840 -12.46 35.94 -28.60
CA LYS A 840 -11.00 35.86 -28.64
C LYS A 840 -10.54 34.40 -28.53
N LEU A 841 -11.09 33.68 -27.56
CA LEU A 841 -10.68 32.30 -27.32
C LEU A 841 -11.04 31.41 -28.50
N LYS A 842 -12.22 31.61 -29.10
CA LYS A 842 -12.62 30.80 -30.24
C LYS A 842 -11.77 31.10 -31.46
N LEU A 843 -11.37 32.36 -31.64
CA LEU A 843 -10.43 32.71 -32.69
C LEU A 843 -9.13 31.96 -32.52
N ILE A 844 -8.59 31.96 -31.29
CA ILE A 844 -7.34 31.25 -31.03
C ILE A 844 -7.52 29.75 -31.26
N MET A 845 -8.68 29.21 -30.88
CA MET A 845 -8.92 27.78 -31.04
C MET A 845 -8.99 27.38 -32.51
N GLU A 846 -9.67 28.18 -33.33
CA GLU A 846 -9.79 27.87 -34.74
C GLU A 846 -8.47 28.09 -35.48
N GLN A 847 -7.66 29.05 -35.03
CA GLN A 847 -6.40 29.32 -35.72
C GLN A 847 -5.47 28.11 -35.67
N TYR A 848 -5.39 27.46 -34.52
CA TYR A 848 -4.58 26.26 -34.33
C TYR A 848 -5.47 25.04 -34.08
N GLY A 849 -6.60 24.96 -34.79
CA GLY A 849 -7.53 23.87 -34.59
C GLY A 849 -6.92 22.50 -34.83
N ASP A 850 -5.94 22.42 -35.72
CA ASP A 850 -5.31 21.13 -35.98
C ASP A 850 -4.31 20.74 -34.89
N GLU A 851 -4.21 21.52 -33.83
CA GLU A 851 -3.34 21.22 -32.70
C GLU A 851 -4.16 20.65 -31.56
N LYS A 852 -3.51 19.85 -30.73
CA LYS A 852 -4.21 19.20 -29.62
C LYS A 852 -4.65 20.22 -28.57
N ASN A 853 -3.75 21.14 -28.19
CA ASN A 853 -4.10 22.26 -27.32
C ASN A 853 -3.76 23.56 -28.02
N PRO A 854 -4.72 24.20 -28.70
CA PRO A 854 -4.39 25.44 -29.43
C PRO A 854 -3.83 26.55 -28.56
N LEU A 855 -4.22 26.62 -27.29
CA LEU A 855 -3.67 27.66 -26.40
C LEU A 855 -2.18 27.45 -26.17
N TYR A 856 -1.74 26.19 -26.09
CA TYR A 856 -0.32 25.91 -25.92
C TYR A 856 0.49 26.44 -27.11
N LYS A 857 0.05 26.12 -28.33
CA LYS A 857 0.78 26.60 -29.50
C LYS A 857 0.68 28.11 -29.63
N TYR A 858 -0.47 28.69 -29.26
CA TYR A 858 -0.60 30.14 -29.27
C TYR A 858 0.42 30.79 -28.34
N TYR A 859 0.58 30.23 -27.14
CA TYR A 859 1.57 30.76 -26.20
C TYR A 859 2.99 30.59 -26.72
N GLU A 860 3.28 29.46 -27.37
CA GLU A 860 4.64 29.26 -27.87
C GLU A 860 4.93 30.12 -29.08
N GLU A 861 3.91 30.47 -29.87
CA GLU A 861 4.14 31.26 -31.07
C GLU A 861 4.16 32.76 -30.77
N THR A 862 3.34 33.22 -29.84
CA THR A 862 3.19 34.64 -29.58
C THR A 862 3.81 35.10 -28.27
N GLY A 863 4.07 34.20 -27.34
CA GLY A 863 4.45 34.60 -26.00
C GLY A 863 3.33 35.19 -25.18
N ASN A 864 2.12 35.26 -25.72
CA ASN A 864 0.97 35.82 -25.04
C ASN A 864 0.07 34.70 -24.52
N TYR A 865 -0.50 34.91 -23.34
CA TYR A 865 -1.56 34.06 -22.86
C TYR A 865 -2.90 34.54 -23.42
N LEU A 866 -3.98 33.90 -23.00
CA LEU A 866 -5.31 34.41 -23.29
C LEU A 866 -5.63 35.47 -22.24
N THR A 867 -5.76 36.72 -22.67
CA THR A 867 -6.10 37.80 -21.78
C THR A 867 -7.57 38.17 -21.95
N LYS A 868 -8.17 38.65 -20.87
CA LYS A 868 -9.55 39.12 -20.92
C LYS A 868 -9.66 40.27 -21.92
N TYR A 869 -10.77 40.32 -22.65
CA TYR A 869 -10.93 41.32 -23.69
C TYR A 869 -10.84 42.71 -23.09
N SER A 870 -10.11 43.59 -23.78
CA SER A 870 -9.89 44.96 -23.32
C SER A 870 -9.86 45.88 -24.52
N LYS A 871 -10.35 47.10 -24.34
CA LYS A 871 -10.22 48.11 -25.39
C LYS A 871 -8.82 48.69 -25.42
N LYS A 872 -8.22 48.91 -24.26
CA LYS A 872 -6.86 49.40 -24.14
C LYS A 872 -5.84 48.26 -23.97
N ASP A 873 -6.27 47.01 -24.14
CA ASP A 873 -5.40 45.84 -24.02
C ASP A 873 -4.68 45.82 -22.67
N ASN A 874 -5.41 46.14 -21.61
CA ASN A 874 -4.91 46.02 -20.24
C ASN A 874 -5.64 44.93 -19.47
N GLY A 875 -6.25 43.97 -20.18
CA GLY A 875 -6.99 42.90 -19.56
C GLY A 875 -6.08 41.90 -18.86
N PRO A 876 -6.59 41.27 -17.80
CA PRO A 876 -5.76 40.35 -17.03
C PRO A 876 -5.56 39.01 -17.73
N VAL A 877 -4.46 38.35 -17.37
CA VAL A 877 -4.18 37.02 -17.88
C VAL A 877 -5.21 36.03 -17.35
N ILE A 878 -5.72 35.18 -18.21
CA ILE A 878 -6.69 34.16 -17.82
C ILE A 878 -5.94 32.87 -17.53
N LYS A 879 -6.11 32.34 -16.32
CA LYS A 879 -5.40 31.15 -15.88
C LYS A 879 -6.29 29.92 -15.73
N LYS A 880 -7.55 30.09 -15.34
CA LYS A 880 -8.49 28.99 -15.25
C LYS A 880 -9.87 29.47 -15.69
N ILE A 881 -10.65 28.57 -16.26
CA ILE A 881 -11.93 28.91 -16.87
C ILE A 881 -13.05 28.12 -16.20
N LYS A 882 -14.07 28.82 -15.73
CA LYS A 882 -15.21 28.17 -15.09
C LYS A 882 -16.22 27.75 -16.14
N TYR A 883 -16.82 26.58 -15.93
CA TYR A 883 -17.86 26.08 -16.82
C TYR A 883 -18.90 25.31 -16.01
N TYR A 884 -20.04 25.05 -16.64
CA TYR A 884 -21.16 24.39 -15.97
C TYR A 884 -20.98 22.88 -15.99
N GLY A 885 -21.15 22.26 -14.82
CA GLY A 885 -21.09 20.82 -14.72
C GLY A 885 -22.47 20.17 -14.74
N ASN A 886 -22.71 19.22 -13.85
CA ASN A 886 -23.97 18.50 -13.80
C ASN A 886 -24.98 19.22 -12.90
N LYS A 887 -26.22 18.73 -12.94
CA LYS A 887 -27.24 19.25 -12.05
C LYS A 887 -27.02 18.71 -10.64
N LEU A 888 -27.25 19.57 -9.64
CA LEU A 888 -26.92 19.25 -8.25
C LEU A 888 -27.98 18.30 -7.69
N ASN A 889 -27.58 17.05 -7.45
CA ASN A 889 -28.38 16.09 -6.70
C ASN A 889 -27.97 16.18 -5.22
N ALA A 890 -28.30 15.15 -4.44
CA ALA A 890 -27.95 15.09 -3.02
C ALA A 890 -26.54 15.59 -2.76
N HIS A 891 -26.39 16.35 -1.68
CA HIS A 891 -25.16 17.10 -1.43
C HIS A 891 -25.12 17.54 0.02
N LEU A 892 -23.98 18.09 0.43
CA LEU A 892 -23.80 18.72 1.72
C LEU A 892 -23.69 20.22 1.52
N ASP A 893 -24.63 20.97 2.08
CA ASP A 893 -24.68 22.42 1.93
C ASP A 893 -23.81 23.08 2.99
N ILE A 894 -22.75 23.76 2.57
CA ILE A 894 -21.84 24.43 3.49
C ILE A 894 -21.85 25.93 3.24
N THR A 895 -22.97 26.45 2.71
CA THR A 895 -23.07 27.87 2.39
C THR A 895 -23.01 28.75 3.64
N ASP A 896 -23.36 28.21 4.81
CA ASP A 896 -23.37 29.02 6.03
C ASP A 896 -21.97 29.47 6.42
N ASP A 897 -20.94 28.71 6.05
CA ASP A 897 -19.57 29.10 6.34
C ASP A 897 -19.14 30.37 5.60
N TYR A 898 -19.89 30.78 4.59
CA TYR A 898 -19.58 31.95 3.77
C TYR A 898 -20.77 32.89 3.82
N PRO A 899 -20.77 33.84 4.74
CA PRO A 899 -21.96 34.68 4.95
C PRO A 899 -22.24 35.57 3.75
N ASN A 900 -23.54 35.78 3.50
CA ASN A 900 -24.02 36.63 2.42
C ASN A 900 -23.58 36.13 1.05
N SER A 901 -23.29 34.83 0.94
CA SER A 901 -22.89 34.26 -0.33
C SER A 901 -24.07 34.24 -1.28
N ARG A 902 -23.90 34.83 -2.47
CA ARG A 902 -24.96 34.84 -3.46
C ARG A 902 -25.23 33.46 -4.04
N ASN A 903 -24.25 32.55 -3.95
CA ASN A 903 -24.37 31.22 -4.53
C ASN A 903 -24.26 30.16 -3.43
N LYS A 904 -24.90 29.03 -3.68
CA LYS A 904 -24.87 27.91 -2.74
C LYS A 904 -23.55 27.17 -2.88
N VAL A 905 -22.86 26.97 -1.75
CA VAL A 905 -21.58 26.28 -1.71
C VAL A 905 -21.82 24.87 -1.20
N VAL A 906 -21.36 23.87 -1.96
CA VAL A 906 -21.73 22.48 -1.70
C VAL A 906 -20.50 21.58 -1.73
N LYS A 907 -20.67 20.39 -1.16
CA LYS A 907 -19.76 19.27 -1.31
C LYS A 907 -20.58 18.04 -1.71
N LEU A 908 -19.92 17.08 -2.35
CA LEU A 908 -20.64 16.04 -3.06
C LEU A 908 -20.43 14.66 -2.42
N SER A 909 -21.29 13.73 -2.81
CA SER A 909 -21.13 12.31 -2.52
C SER A 909 -21.14 12.04 -1.01
N LEU A 910 -22.31 12.26 -0.41
CA LEU A 910 -22.52 11.91 0.99
C LEU A 910 -22.26 10.43 1.21
N LYS A 911 -21.19 10.10 1.93
CA LYS A 911 -20.79 8.70 2.08
C LYS A 911 -21.75 7.98 3.02
N PRO A 912 -22.30 6.84 2.61
CA PRO A 912 -23.27 6.14 3.46
C PRO A 912 -22.59 5.30 4.54
N TYR A 913 -23.36 5.04 5.59
CA TYR A 913 -22.91 4.26 6.73
C TYR A 913 -23.61 2.90 6.80
N ARG A 914 -24.93 2.87 6.71
CA ARG A 914 -25.69 1.63 6.78
C ARG A 914 -27.08 1.91 6.21
N PHE A 915 -27.91 0.87 6.17
CA PHE A 915 -29.32 1.11 5.89
C PHE A 915 -30.20 0.23 6.77
N ASP A 916 -31.26 0.84 7.31
CA ASP A 916 -32.17 0.17 8.22
C ASP A 916 -33.45 -0.20 7.47
N VAL A 917 -33.77 -1.48 7.46
CA VAL A 917 -34.95 -2.01 6.78
C VAL A 917 -36.07 -2.16 7.78
N TYR A 918 -37.22 -1.56 7.46
CA TYR A 918 -38.47 -1.67 8.19
C TYR A 918 -39.51 -2.37 7.34
N LEU A 919 -40.49 -3.00 8.00
CA LEU A 919 -41.66 -3.57 7.34
C LEU A 919 -42.86 -2.71 7.72
N ASP A 920 -43.42 -1.99 6.75
CA ASP A 920 -44.46 -1.00 6.96
C ASP A 920 -45.72 -1.44 6.24
N ASN A 921 -46.72 -1.88 7.01
CA ASN A 921 -48.01 -2.33 6.49
C ASN A 921 -47.84 -3.21 5.26
N GLY A 922 -46.94 -4.19 5.38
CA GLY A 922 -46.76 -5.20 4.36
C GLY A 922 -45.71 -4.90 3.30
N VAL A 923 -45.24 -3.65 3.20
CA VAL A 923 -44.23 -3.29 2.20
C VAL A 923 -42.91 -3.04 2.90
N TYR A 924 -41.82 -3.53 2.30
CA TYR A 924 -40.50 -3.33 2.87
C TYR A 924 -39.95 -1.97 2.45
N LYS A 925 -39.55 -1.17 3.43
CA LYS A 925 -38.88 0.10 3.18
C LYS A 925 -37.52 0.09 3.87
N PHE A 926 -36.67 1.04 3.50
CA PHE A 926 -35.41 1.20 4.21
C PHE A 926 -34.97 2.65 4.16
N VAL A 927 -34.31 3.06 5.24
CA VAL A 927 -33.78 4.41 5.39
C VAL A 927 -32.27 4.33 5.49
N THR A 928 -31.59 5.21 4.76
CA THR A 928 -30.13 5.20 4.68
C THR A 928 -29.54 6.05 5.80
N VAL A 929 -28.76 5.43 6.66
CA VAL A 929 -27.97 6.15 7.66
C VAL A 929 -26.66 6.55 7.01
N LYS A 930 -26.41 7.85 6.93
CA LYS A 930 -25.20 8.41 6.36
C LYS A 930 -24.14 8.60 7.43
N ASN A 931 -22.88 8.70 6.97
CA ASN A 931 -21.80 8.98 7.90
C ASN A 931 -21.96 10.33 8.57
N LEU A 932 -22.58 11.29 7.88
CA LEU A 932 -22.83 12.61 8.45
C LEU A 932 -23.86 12.56 9.57
N ASP A 933 -24.74 11.55 9.57
CA ASP A 933 -25.77 11.43 10.59
C ASP A 933 -25.25 10.87 11.91
N VAL A 934 -24.05 10.29 11.92
CA VAL A 934 -23.45 9.73 13.13
C VAL A 934 -22.46 10.74 13.68
N ILE A 935 -22.63 11.12 14.94
CA ILE A 935 -21.77 12.11 15.59
C ILE A 935 -21.26 11.52 16.90
N LYS A 936 -19.98 11.74 17.20
CA LYS A 936 -19.40 11.25 18.44
C LYS A 936 -19.81 12.14 19.60
N LYS A 937 -20.32 11.52 20.67
CA LYS A 937 -20.66 12.21 21.91
C LYS A 937 -19.88 11.52 23.03
N GLU A 938 -18.66 12.02 23.23
CA GLU A 938 -17.89 12.02 24.47
C GLU A 938 -17.48 10.64 24.96
N ASN A 939 -18.17 9.59 24.53
CA ASN A 939 -17.68 8.23 24.70
C ASN A 939 -18.08 7.37 23.51
N TYR A 940 -19.18 7.74 22.87
CA TYR A 940 -19.83 6.80 21.96
C TYR A 940 -20.42 7.55 20.76
N TYR A 941 -20.51 6.85 19.64
CA TYR A 941 -21.06 7.42 18.43
C TYR A 941 -22.57 7.26 18.45
N GLU A 942 -23.29 8.34 18.19
CA GLU A 942 -24.74 8.40 18.27
C GLU A 942 -25.31 8.80 16.92
N VAL A 943 -26.35 8.08 16.50
CA VAL A 943 -27.13 8.47 15.33
C VAL A 943 -28.01 9.65 15.72
N ASN A 944 -27.87 10.75 14.98
CA ASN A 944 -28.66 11.95 15.27
C ASN A 944 -30.13 11.65 15.03
N SER A 945 -30.94 11.75 16.09
CA SER A 945 -32.34 11.38 16.00
C SER A 945 -33.14 12.33 15.11
N LYS A 946 -32.76 13.60 15.05
CA LYS A 946 -33.46 14.53 14.18
C LYS A 946 -33.24 14.14 12.71
N CYS A 947 -31.97 13.96 12.29
CA CYS A 947 -31.69 13.56 10.91
C CYS A 947 -32.31 12.21 10.61
N TYR A 948 -32.29 11.29 11.58
CA TYR A 948 -32.84 9.96 11.36
C TYR A 948 -34.35 10.02 11.12
N GLU A 949 -35.06 10.77 11.96
CA GLU A 949 -36.51 10.93 11.75
C GLU A 949 -36.81 11.68 10.46
N GLU A 950 -35.94 12.63 10.08
CA GLU A 950 -36.10 13.32 8.80
C GLU A 950 -36.04 12.32 7.65
N ALA A 951 -34.99 11.49 7.62
CA ALA A 951 -34.83 10.52 6.56
C ALA A 951 -35.93 9.46 6.59
N LYS A 952 -36.41 9.11 7.79
CA LYS A 952 -37.55 8.20 7.91
C LYS A 952 -38.78 8.79 7.25
N LYS A 953 -39.08 10.06 7.54
CA LYS A 953 -40.24 10.72 6.97
C LYS A 953 -40.10 10.87 5.46
N LEU A 954 -38.88 11.15 4.99
CA LEU A 954 -38.66 11.26 3.55
C LEU A 954 -38.96 9.95 2.83
N LYS A 955 -38.79 8.82 3.52
CA LYS A 955 -39.12 7.51 2.96
C LYS A 955 -40.55 7.09 3.28
N LYS A 956 -41.33 7.96 3.91
CA LYS A 956 -42.73 7.67 4.26
C LYS A 956 -42.83 6.39 5.09
N ILE A 957 -42.00 6.29 6.11
CA ILE A 957 -42.00 5.14 7.01
C ILE A 957 -42.92 5.47 8.19
N SER A 958 -43.90 4.61 8.42
CA SER A 958 -44.88 4.85 9.47
C SER A 958 -44.23 4.84 10.85
N ASN A 959 -44.96 5.39 11.82
CA ASN A 959 -44.55 5.26 13.21
C ASN A 959 -44.82 3.85 13.74
N GLN A 960 -45.80 3.16 13.16
CA GLN A 960 -46.11 1.78 13.52
C GLN A 960 -45.34 0.77 12.68
N ALA A 961 -44.42 1.24 11.83
CA ALA A 961 -43.62 0.32 11.03
C ALA A 961 -42.73 -0.53 11.92
N GLU A 962 -42.60 -1.81 11.56
CA GLU A 962 -41.81 -2.76 12.33
C GLU A 962 -40.37 -2.73 11.84
N PHE A 963 -39.45 -2.39 12.73
CA PHE A 963 -38.03 -2.40 12.37
C PHE A 963 -37.56 -3.83 12.16
N ILE A 964 -37.10 -4.13 10.95
CA ILE A 964 -36.65 -5.48 10.63
C ILE A 964 -35.19 -5.64 11.00
N ALA A 965 -34.31 -4.87 10.36
CA ALA A 965 -32.88 -5.08 10.60
C ALA A 965 -32.09 -3.85 10.17
N SER A 966 -30.79 -3.90 10.41
CA SER A 966 -29.83 -2.90 9.97
C SER A 966 -28.71 -3.59 9.24
N PHE A 967 -28.33 -3.08 8.07
CA PHE A 967 -27.35 -3.73 7.22
C PHE A 967 -26.18 -2.79 6.99
N TYR A 968 -24.99 -3.26 7.34
CA TYR A 968 -23.72 -2.61 7.06
C TYR A 968 -23.04 -3.30 5.89
N ASN A 969 -21.82 -2.86 5.58
CA ASN A 969 -21.07 -3.46 4.49
C ASN A 969 -20.69 -4.89 4.84
N ASN A 970 -21.02 -5.82 3.95
CA ASN A 970 -20.70 -7.26 4.01
C ASN A 970 -21.58 -8.05 4.97
N ASP A 971 -22.61 -7.44 5.57
CA ASP A 971 -23.58 -8.22 6.32
C ASP A 971 -24.34 -9.15 5.37
N LEU A 972 -24.80 -10.28 5.89
CA LEU A 972 -25.48 -11.25 5.04
C LEU A 972 -26.96 -10.92 4.98
N ILE A 973 -27.46 -10.65 3.77
CA ILE A 973 -28.87 -10.35 3.57
C ILE A 973 -29.52 -11.50 2.80
N LYS A 974 -30.78 -11.76 3.11
CA LYS A 974 -31.55 -12.82 2.45
C LYS A 974 -32.77 -12.16 1.83
N ILE A 975 -32.74 -11.98 0.51
CA ILE A 975 -33.80 -11.34 -0.25
C ILE A 975 -34.53 -12.41 -1.05
N ASN A 976 -35.83 -12.54 -0.79
CA ASN A 976 -36.68 -13.49 -1.50
C ASN A 976 -36.11 -14.90 -1.48
N GLY A 977 -35.49 -15.26 -0.35
CA GLY A 977 -34.94 -16.58 -0.15
C GLY A 977 -33.53 -16.78 -0.66
N GLU A 978 -32.90 -15.76 -1.24
CA GLU A 978 -31.54 -15.87 -1.76
C GLU A 978 -30.58 -15.06 -0.89
N LEU A 979 -29.45 -15.67 -0.54
CA LEU A 979 -28.49 -15.07 0.39
C LEU A 979 -27.38 -14.39 -0.39
N TYR A 980 -27.20 -13.09 -0.14
CA TYR A 980 -26.11 -12.30 -0.68
C TYR A 980 -25.38 -11.61 0.46
N ARG A 981 -24.28 -10.93 0.12
CA ARG A 981 -23.59 -10.04 1.04
C ARG A 981 -23.84 -8.60 0.61
N VAL A 982 -24.06 -7.73 1.59
CA VAL A 982 -24.41 -6.34 1.32
C VAL A 982 -23.17 -5.56 0.93
N ILE A 983 -23.23 -4.85 -0.19
CA ILE A 983 -22.20 -3.88 -0.54
C ILE A 983 -22.53 -2.51 0.05
N GLY A 984 -23.75 -2.04 -0.20
CA GLY A 984 -24.18 -0.77 0.33
C GLY A 984 -25.38 -0.25 -0.44
N VAL A 985 -25.80 0.95 -0.06
CA VAL A 985 -26.89 1.62 -0.74
C VAL A 985 -26.42 2.09 -2.11
N ASN A 986 -27.17 1.73 -3.15
CA ASN A 986 -26.86 2.13 -4.52
C ASN A 986 -27.60 3.39 -4.94
N ASN A 987 -28.92 3.45 -4.70
CA ASN A 987 -29.70 4.65 -5.01
C ASN A 987 -30.77 4.78 -3.94
N ASP A 988 -30.55 5.70 -2.99
CA ASP A 988 -31.46 5.85 -1.87
C ASP A 988 -32.85 6.28 -2.34
N LEU A 989 -32.91 7.21 -3.30
CA LEU A 989 -34.20 7.71 -3.79
C LEU A 989 -35.00 6.60 -4.45
N LEU A 990 -34.34 5.72 -5.20
CA LEU A 990 -35.00 4.64 -5.91
C LEU A 990 -35.09 3.36 -5.08
N ASN A 991 -34.70 3.41 -3.81
CA ASN A 991 -34.74 2.25 -2.91
C ASN A 991 -33.96 1.08 -3.49
N ARG A 992 -32.77 1.36 -4.03
CA ARG A 992 -31.95 0.37 -4.69
C ARG A 992 -30.67 0.15 -3.89
N ILE A 993 -30.45 -1.09 -3.47
CA ILE A 993 -29.24 -1.47 -2.76
C ILE A 993 -28.38 -2.31 -3.69
N GLU A 994 -27.13 -2.51 -3.30
CA GLU A 994 -26.19 -3.33 -4.05
C GLU A 994 -25.71 -4.47 -3.17
N VAL A 995 -25.65 -5.66 -3.76
CA VAL A 995 -25.20 -6.86 -3.07
C VAL A 995 -24.26 -7.63 -3.99
N ASN A 996 -23.69 -8.71 -3.46
CA ASN A 996 -22.79 -9.56 -4.21
C ASN A 996 -22.92 -10.99 -3.70
N MET A 997 -22.38 -11.93 -4.48
CA MET A 997 -22.44 -13.32 -4.07
C MET A 997 -21.42 -13.58 -2.96
N ILE A 998 -21.53 -14.76 -2.35
CA ILE A 998 -20.74 -15.10 -1.17
C ILE A 998 -19.54 -15.97 -1.52
N ASP A 999 -19.73 -16.98 -2.36
CA ASP A 999 -18.65 -17.91 -2.71
C ASP A 999 -17.79 -17.41 -3.86
N ILE A 1000 -18.20 -16.35 -4.56
CA ILE A 1000 -17.49 -15.86 -5.73
C ILE A 1000 -18.01 -14.47 -6.02
N THR A 1001 -17.18 -13.65 -6.66
CA THR A 1001 -17.64 -12.34 -7.11
C THR A 1001 -18.55 -12.49 -8.32
N TYR A 1002 -19.53 -11.59 -8.41
CA TYR A 1002 -20.48 -11.65 -9.53
C TYR A 1002 -19.78 -11.47 -10.87
N ARG A 1003 -18.67 -10.73 -10.90
CA ARG A 1003 -17.94 -10.53 -12.14
C ARG A 1003 -17.43 -11.85 -12.70
N GLU A 1004 -16.73 -12.63 -11.87
CA GLU A 1004 -16.21 -13.91 -12.36
C GLU A 1004 -17.32 -14.92 -12.60
N TYR A 1005 -18.40 -14.84 -11.82
CA TYR A 1005 -19.57 -15.68 -12.08
C TYR A 1005 -20.10 -15.43 -13.49
N LEU A 1006 -20.22 -14.16 -13.88
CA LEU A 1006 -20.67 -13.83 -15.22
C LEU A 1006 -19.64 -14.24 -16.26
N GLU A 1007 -18.35 -14.09 -15.94
CA GLU A 1007 -17.29 -14.42 -16.89
C GLU A 1007 -17.27 -15.91 -17.21
N ASN A 1008 -17.50 -16.75 -16.19
CA ASN A 1008 -17.46 -18.20 -16.41
C ASN A 1008 -18.54 -18.65 -17.39
N MET A 1009 -19.72 -18.03 -17.32
CA MET A 1009 -20.79 -18.29 -18.28
C MET A 1009 -20.69 -17.41 -19.51
N ASN A 1010 -19.61 -16.63 -19.63
CA ASN A 1010 -19.42 -15.69 -20.74
C ASN A 1010 -20.62 -14.75 -20.88
N ASP A 1011 -21.04 -14.22 -19.74
CA ASP A 1011 -22.16 -13.29 -19.68
C ASP A 1011 -21.63 -11.86 -19.67
N LYS A 1012 -22.26 -11.00 -20.48
CA LYS A 1012 -21.84 -9.62 -20.63
C LYS A 1012 -22.71 -8.65 -19.82
N ARG A 1013 -23.55 -9.17 -18.93
CA ARG A 1013 -24.38 -8.31 -18.09
C ARG A 1013 -23.50 -7.44 -17.19
N PRO A 1014 -24.04 -6.33 -16.70
CA PRO A 1014 -23.28 -5.48 -15.77
C PRO A 1014 -22.92 -6.27 -14.52
N PRO A 1015 -21.63 -6.30 -14.15
CA PRO A 1015 -21.16 -7.11 -13.01
C PRO A 1015 -21.45 -6.51 -11.65
N ARG A 1016 -22.67 -6.01 -11.47
CA ARG A 1016 -23.12 -5.45 -10.20
C ARG A 1016 -24.54 -5.90 -9.94
N ILE A 1017 -24.79 -6.47 -8.77
CA ILE A 1017 -26.13 -6.94 -8.41
C ILE A 1017 -26.82 -5.79 -7.69
N ILE A 1018 -27.73 -5.11 -8.39
CA ILE A 1018 -28.54 -4.04 -7.83
C ILE A 1018 -29.96 -4.56 -7.66
N LYS A 1019 -30.52 -4.36 -6.47
CA LYS A 1019 -31.85 -4.83 -6.14
C LYS A 1019 -32.72 -3.67 -5.68
N THR A 1020 -34.01 -3.78 -5.94
CA THR A 1020 -35.01 -2.83 -5.48
C THR A 1020 -35.75 -3.41 -4.29
N ILE A 1021 -36.03 -2.57 -3.30
CA ILE A 1021 -36.76 -2.98 -2.10
C ILE A 1021 -38.05 -2.17 -2.08
N ALA A 1022 -39.16 -2.82 -2.41
CA ALA A 1022 -40.44 -2.14 -2.60
C ALA A 1022 -41.55 -3.18 -2.42
N SER A 1023 -42.76 -2.84 -2.91
CA SER A 1023 -43.91 -3.72 -2.75
C SER A 1023 -43.66 -5.13 -3.29
N LYS A 1024 -42.83 -5.26 -4.32
CA LYS A 1024 -42.56 -6.57 -4.91
C LYS A 1024 -41.71 -7.46 -4.01
N THR A 1025 -41.08 -6.90 -2.98
CA THR A 1025 -40.22 -7.67 -2.10
C THR A 1025 -41.05 -8.53 -1.16
N GLN A 1026 -40.78 -9.83 -1.13
CA GLN A 1026 -41.55 -10.75 -0.33
C GLN A 1026 -40.94 -10.99 1.05
N SER A 1027 -39.64 -11.28 1.11
CA SER A 1027 -38.98 -11.58 2.36
C SER A 1027 -37.62 -10.91 2.43
N ILE A 1028 -37.27 -10.40 3.61
CA ILE A 1028 -35.97 -9.81 3.89
C ILE A 1028 -35.51 -10.31 5.25
N LYS A 1029 -34.39 -11.01 5.28
CA LYS A 1029 -33.83 -11.55 6.52
C LYS A 1029 -32.37 -11.16 6.62
N LYS A 1030 -31.83 -11.25 7.84
CA LYS A 1030 -30.42 -10.95 8.08
C LYS A 1030 -29.73 -12.18 8.67
N TYR A 1031 -28.61 -12.56 8.06
CA TYR A 1031 -27.77 -13.64 8.53
C TYR A 1031 -26.34 -13.13 8.72
N SER A 1032 -25.63 -13.75 9.66
CA SER A 1032 -24.23 -13.44 9.91
C SER A 1032 -23.48 -14.73 10.20
N THR A 1033 -22.17 -14.68 10.03
CA THR A 1033 -21.30 -15.82 10.25
C THR A 1033 -20.23 -15.48 11.29
N ASP A 1034 -19.64 -16.52 11.86
CA ASP A 1034 -18.44 -16.36 12.66
C ASP A 1034 -17.24 -16.20 11.74
N ILE A 1035 -16.04 -16.07 12.33
CA ILE A 1035 -14.84 -15.90 11.52
C ILE A 1035 -14.53 -17.14 10.68
N LEU A 1036 -15.17 -18.27 10.97
CA LEU A 1036 -14.96 -19.49 10.19
C LEU A 1036 -16.01 -19.70 9.11
N GLY A 1037 -17.03 -18.86 9.06
CA GLY A 1037 -18.06 -18.97 8.04
C GLY A 1037 -19.26 -19.80 8.42
N ASN A 1038 -19.48 -20.03 9.72
CA ASN A 1038 -20.64 -20.81 10.17
C ASN A 1038 -21.85 -19.90 10.28
N LEU A 1039 -22.90 -20.23 9.54
CA LEU A 1039 -24.05 -19.34 9.41
C LEU A 1039 -24.91 -19.35 10.67
N TYR A 1040 -25.56 -18.21 10.93
CA TYR A 1040 -26.62 -18.13 11.92
C TYR A 1040 -27.48 -16.92 11.58
N GLU A 1041 -28.79 -17.10 11.67
CA GLU A 1041 -29.70 -15.99 11.41
C GLU A 1041 -29.65 -14.99 12.57
N VAL A 1042 -29.60 -13.71 12.23
CA VAL A 1042 -29.60 -12.67 13.25
C VAL A 1042 -30.96 -12.63 13.94
N LYS A 1043 -30.94 -12.52 15.26
CA LYS A 1043 -32.08 -12.92 16.09
C LYS A 1043 -33.10 -11.81 16.34
N SER A 1044 -32.63 -10.61 16.70
CA SER A 1044 -33.40 -9.70 17.54
C SER A 1044 -33.14 -8.24 17.20
N LYS A 1045 -33.25 -7.36 18.21
CA LYS A 1045 -33.21 -5.91 18.09
C LYS A 1045 -34.46 -5.32 17.45
N LYS A 1046 -35.57 -5.37 18.20
CA LYS A 1046 -36.82 -4.68 17.88
C LYS A 1046 -36.62 -3.25 17.39
N HIS A 1047 -35.59 -2.56 17.89
CA HIS A 1047 -35.34 -1.17 17.50
C HIS A 1047 -33.92 -1.02 16.98
N PRO A 1048 -33.67 -0.01 16.14
CA PRO A 1048 -32.32 0.16 15.58
C PRO A 1048 -31.33 0.68 16.63
N GLN A 1049 -30.05 0.40 16.36
CA GLN A 1049 -28.98 0.82 17.24
C GLN A 1049 -28.66 2.30 16.99
N ILE A 1050 -28.72 3.10 18.05
CA ILE A 1050 -28.47 4.54 17.95
C ILE A 1050 -27.10 4.85 18.54
N ILE A 1051 -26.73 4.12 19.59
CA ILE A 1051 -25.43 4.29 20.24
C ILE A 1051 -24.50 3.19 19.75
N LYS A 1052 -23.29 3.57 19.35
CA LYS A 1052 -22.29 2.65 18.84
C LYS A 1052 -21.01 2.78 19.65
N LYS A 1053 -20.32 1.65 19.85
CA LYS A 1053 -19.12 1.64 20.67
C LYS A 1053 -17.96 2.33 19.96
N GLY A 1054 -17.69 1.95 18.72
CA GLY A 1054 -16.63 2.57 17.94
C GLY A 1054 -15.36 1.74 17.85
N LYS C 3 -33.08 14.59 -28.29
CA LYS C 3 -33.35 13.35 -27.57
C LYS C 3 -34.79 12.88 -27.77
N SER C 4 -35.00 11.57 -27.69
CA SER C 4 -36.33 10.98 -27.81
C SER C 4 -36.87 10.54 -26.45
N ILE C 5 -36.58 11.32 -25.41
CA ILE C 5 -36.88 10.95 -24.03
C ILE C 5 -38.34 11.25 -23.70
N GLU C 6 -38.79 10.73 -22.57
CA GLU C 6 -40.11 11.03 -22.01
C GLU C 6 -39.95 11.54 -20.59
N ILE C 7 -40.71 12.56 -20.23
CA ILE C 7 -40.63 13.19 -18.92
C ILE C 7 -41.64 12.50 -17.99
N LYS C 8 -41.18 12.07 -16.81
CA LYS C 8 -42.02 11.25 -15.95
C LYS C 8 -41.86 11.66 -14.48
N ASP C 9 -42.64 10.97 -13.64
CA ASP C 9 -42.39 10.89 -12.20
C ASP C 9 -41.47 9.70 -11.96
N GLN C 10 -40.33 9.95 -11.33
CA GLN C 10 -39.20 9.03 -11.45
C GLN C 10 -38.85 8.26 -10.18
N ASN C 11 -39.36 8.65 -9.02
CA ASN C 11 -38.89 8.05 -7.78
C ASN C 11 -39.61 6.77 -7.39
N ASN C 12 -40.81 6.52 -7.93
CA ASN C 12 -41.57 5.32 -7.62
C ASN C 12 -41.38 4.23 -8.67
N ILE C 13 -40.18 4.15 -9.24
CA ILE C 13 -39.88 3.28 -10.37
C ILE C 13 -39.12 2.06 -9.88
N VAL C 14 -39.62 0.87 -10.23
CA VAL C 14 -39.01 -0.39 -9.82
C VAL C 14 -38.08 -0.88 -10.92
N LEU C 15 -36.89 -1.36 -10.52
CA LEU C 15 -35.93 -1.89 -11.48
C LEU C 15 -36.26 -3.33 -11.81
N ILE C 16 -36.42 -3.63 -13.10
CA ILE C 16 -36.81 -4.96 -13.56
C ILE C 16 -35.61 -5.77 -14.03
N ASP C 17 -34.76 -5.18 -14.88
CA ASP C 17 -33.62 -5.89 -15.45
C ASP C 17 -32.53 -4.91 -15.80
N SER C 18 -31.34 -5.11 -15.24
CA SER C 18 -30.18 -4.30 -15.58
C SER C 18 -29.59 -4.79 -16.90
N LEU C 19 -29.64 -3.95 -17.93
CA LEU C 19 -29.25 -4.37 -19.26
C LEU C 19 -27.77 -4.13 -19.55
N GLY C 20 -27.29 -2.89 -19.39
CA GLY C 20 -25.94 -2.57 -19.75
C GLY C 20 -25.31 -1.56 -18.81
N GLN C 21 -23.97 -1.53 -18.82
CA GLN C 21 -23.19 -0.55 -18.07
C GLN C 21 -22.10 0.00 -18.98
N PHE C 22 -22.16 1.29 -19.27
CA PHE C 22 -21.23 1.94 -20.18
C PHE C 22 -20.43 3.01 -19.45
N PHE C 23 -19.28 3.35 -20.00
CA PHE C 23 -18.43 4.42 -19.49
C PHE C 23 -18.31 5.51 -20.54
N THR C 24 -18.50 6.77 -20.13
CA THR C 24 -18.49 7.88 -21.07
C THR C 24 -17.24 8.76 -20.97
N ASP C 25 -16.63 8.86 -19.79
CA ASP C 25 -15.45 9.71 -19.65
C ASP C 25 -14.61 9.23 -18.46
N ILE C 26 -13.30 9.17 -18.69
CA ILE C 26 -12.32 8.94 -17.63
C ILE C 26 -11.41 10.15 -17.61
N GLU C 27 -11.56 10.99 -16.59
CA GLU C 27 -10.85 12.27 -16.52
C GLU C 27 -9.80 12.24 -15.42
N ASN C 28 -8.59 12.68 -15.76
CA ASN C 28 -7.51 12.85 -14.79
C ASN C 28 -7.55 14.28 -14.26
N ASP C 29 -7.64 14.42 -12.94
CA ASP C 29 -7.69 15.75 -12.32
C ASP C 29 -6.30 16.36 -12.16
N ASN C 30 -5.26 15.69 -12.66
CA ASN C 30 -3.87 16.14 -12.59
C ASN C 30 -3.36 16.19 -11.16
N ASN C 31 -4.03 15.48 -10.26
CA ASN C 31 -3.44 15.06 -8.99
C ASN C 31 -3.61 13.54 -9.03
N GLY C 32 -3.44 12.89 -7.89
CA GLY C 32 -3.56 11.45 -7.87
C GLY C 32 -4.97 10.91 -8.03
N ARG C 33 -5.91 11.72 -8.51
CA ARG C 33 -7.32 11.33 -8.52
C ARG C 33 -7.92 11.39 -9.92
N TYR C 34 -9.03 10.65 -10.10
CA TYR C 34 -9.72 10.55 -11.38
C TYR C 34 -11.22 10.69 -11.17
N ASN C 35 -11.90 11.26 -12.17
CA ASN C 35 -13.35 11.37 -12.20
C ASN C 35 -13.87 10.48 -13.33
N ILE C 36 -14.61 9.43 -12.97
CA ILE C 36 -15.12 8.47 -13.93
C ILE C 36 -16.61 8.72 -14.12
N ASP C 37 -17.00 9.04 -15.35
CA ASP C 37 -18.40 9.21 -15.71
C ASP C 37 -18.88 7.92 -16.36
N TYR C 38 -19.96 7.34 -15.83
CA TYR C 38 -20.51 6.13 -16.41
C TYR C 38 -22.03 6.25 -16.45
N VAL C 39 -22.67 5.23 -17.01
CA VAL C 39 -24.11 5.27 -17.25
C VAL C 39 -24.64 3.85 -17.25
N LEU C 40 -25.89 3.71 -16.82
CA LEU C 40 -26.56 2.42 -16.72
C LEU C 40 -27.77 2.41 -17.64
N LEU C 41 -28.01 1.26 -18.27
CA LEU C 41 -29.19 1.03 -19.09
C LEU C 41 -29.99 -0.10 -18.43
N ASN C 42 -31.18 0.23 -17.94
CA ASN C 42 -32.02 -0.72 -17.23
C ASN C 42 -33.39 -0.77 -17.87
N GLU C 43 -34.07 -1.91 -17.70
CA GLU C 43 -35.51 -1.97 -17.90
C GLU C 43 -36.17 -1.69 -16.56
N VAL C 44 -37.18 -0.83 -16.57
CA VAL C 44 -37.82 -0.41 -15.33
C VAL C 44 -39.34 -0.39 -15.53
N GLU C 45 -40.07 -0.61 -14.44
CA GLU C 45 -41.52 -0.56 -14.44
C GLU C 45 -41.97 0.59 -13.55
N HIS C 46 -42.72 1.52 -14.13
CA HIS C 46 -43.28 2.63 -13.38
C HIS C 46 -44.33 2.13 -12.39
N ASP C 47 -44.57 2.94 -11.35
CA ASP C 47 -45.64 2.65 -10.41
C ASP C 47 -47.01 2.58 -11.08
N ASN C 48 -47.18 3.24 -12.22
CA ASN C 48 -48.46 3.20 -12.92
C ASN C 48 -48.67 1.92 -13.73
N GLY C 49 -47.59 1.18 -14.00
CA GLY C 49 -47.66 -0.09 -14.72
C GLY C 49 -46.84 -0.13 -15.99
N ASN C 50 -46.68 1.01 -16.65
CA ASN C 50 -45.93 1.05 -17.91
C ASN C 50 -44.44 0.84 -17.64
N THR C 51 -43.78 0.14 -18.57
CA THR C 51 -42.37 -0.15 -18.45
C THR C 51 -41.59 0.71 -19.44
N TYR C 52 -40.55 1.37 -18.94
CA TYR C 52 -39.65 2.19 -19.74
C TYR C 52 -38.24 1.62 -19.66
N TYR C 53 -37.33 2.27 -20.39
CA TYR C 53 -35.92 1.92 -20.36
C TYR C 53 -35.15 3.13 -19.84
N GLU C 54 -34.52 2.96 -18.68
CA GLU C 54 -33.89 4.04 -17.95
C GLU C 54 -32.41 4.12 -18.29
N VAL C 55 -31.96 5.31 -18.69
CA VAL C 55 -30.57 5.64 -18.89
C VAL C 55 -30.17 6.53 -17.72
N GLY C 56 -29.46 5.96 -16.76
CA GLY C 56 -29.09 6.67 -15.55
C GLY C 56 -27.62 7.02 -15.50
N MET C 57 -27.31 8.31 -15.42
CA MET C 57 -25.92 8.74 -15.45
C MET C 57 -25.37 8.88 -14.03
N TYR C 58 -24.11 8.50 -13.86
CA TYR C 58 -23.43 8.56 -12.58
C TYR C 58 -22.03 9.11 -12.78
N ARG C 59 -21.53 9.80 -11.75
CA ARG C 59 -20.20 10.40 -11.77
C ARG C 59 -19.50 10.07 -10.46
N THR C 60 -18.42 9.28 -10.54
CA THR C 60 -17.61 8.93 -9.38
C THR C 60 -16.38 9.85 -9.37
N GLU C 61 -16.28 10.71 -8.38
CA GLU C 61 -15.20 11.69 -8.32
C GLU C 61 -14.16 11.29 -7.29
N GLU C 62 -12.96 11.83 -7.46
CA GLU C 62 -11.86 11.67 -6.51
C GLU C 62 -11.51 10.20 -6.30
N VAL C 63 -11.31 9.49 -7.41
CA VAL C 63 -10.83 8.11 -7.39
C VAL C 63 -9.30 8.17 -7.36
N PRO C 64 -8.66 7.86 -6.23
CA PRO C 64 -7.21 8.10 -6.11
C PRO C 64 -6.39 7.04 -6.83
N PHE C 65 -5.55 7.49 -7.76
CA PHE C 65 -4.61 6.61 -8.46
C PHE C 65 -3.38 7.44 -8.80
N SER C 66 -2.27 7.18 -8.11
CA SER C 66 -1.07 7.99 -8.25
C SER C 66 -0.18 7.56 -9.40
N ASP C 67 -0.12 6.27 -9.71
CA ASP C 67 0.76 5.79 -10.76
C ASP C 67 0.21 6.14 -12.13
N LYS C 68 1.12 6.28 -13.10
CA LYS C 68 0.72 6.46 -14.48
C LYS C 68 0.09 5.17 -14.99
N VAL C 69 -1.08 5.28 -15.61
CA VAL C 69 -1.86 4.12 -16.01
C VAL C 69 -1.40 3.66 -17.39
N THR C 70 -1.17 2.36 -17.52
CA THR C 70 -0.78 1.71 -18.77
C THR C 70 -1.83 0.66 -19.14
N GLN C 71 -1.53 -0.15 -20.15
CA GLN C 71 -2.35 -1.32 -20.41
C GLN C 71 -2.22 -2.34 -19.29
N ASP C 72 -1.05 -2.39 -18.63
CA ASP C 72 -0.84 -3.25 -17.47
C ASP C 72 -1.43 -2.69 -16.19
N ASN C 73 -2.01 -1.49 -16.23
CA ASN C 73 -2.42 -0.76 -15.03
C ASN C 73 -3.90 -0.43 -14.97
N VAL C 74 -4.58 -0.32 -16.12
CA VAL C 74 -5.95 0.18 -16.15
C VAL C 74 -6.89 -0.72 -15.34
N GLU C 75 -6.56 -2.00 -15.22
CA GLU C 75 -7.39 -2.90 -14.41
C GLU C 75 -7.46 -2.43 -12.96
N LEU C 76 -6.32 -2.02 -12.40
CA LEU C 76 -6.29 -1.58 -11.01
C LEU C 76 -7.01 -0.26 -10.82
N LEU C 77 -6.95 0.63 -11.82
CA LEU C 77 -7.73 1.85 -11.77
C LEU C 77 -9.22 1.54 -11.80
N GLU C 78 -9.64 0.57 -12.62
CA GLU C 78 -11.04 0.16 -12.63
C GLU C 78 -11.46 -0.40 -11.28
N ASP C 79 -10.59 -1.21 -10.65
CA ASP C 79 -10.90 -1.77 -9.35
C ASP C 79 -11.06 -0.67 -8.30
N LYS C 80 -10.13 0.30 -8.29
CA LYS C 80 -10.24 1.39 -7.32
C LYS C 80 -11.45 2.26 -7.58
N TRP C 81 -11.80 2.48 -8.86
CA TRP C 81 -13.02 3.21 -9.15
C TRP C 81 -14.24 2.47 -8.61
N LEU C 82 -14.28 1.15 -8.79
CA LEU C 82 -15.42 0.39 -8.31
C LEU C 82 -15.54 0.49 -6.79
N GLN C 83 -14.42 0.35 -6.08
CA GLN C 83 -14.51 0.40 -4.62
C GLN C 83 -14.82 1.81 -4.12
N ILE C 84 -14.42 2.84 -4.86
CA ILE C 84 -14.79 4.21 -4.47
C ILE C 84 -16.27 4.45 -4.75
N ASP C 85 -16.78 3.92 -5.86
CA ASP C 85 -18.19 4.10 -6.21
C ASP C 85 -19.11 3.34 -5.26
N GLN C 86 -18.67 2.17 -4.78
CA GLN C 86 -19.52 1.39 -3.89
C GLN C 86 -19.67 2.05 -2.52
N GLN C 87 -18.68 2.85 -2.12
CA GLN C 87 -18.65 3.45 -0.79
C GLN C 87 -19.20 4.88 -0.76
N GLY C 88 -19.76 5.36 -1.86
CA GLY C 88 -20.19 6.75 -1.90
C GLY C 88 -21.52 6.99 -2.59
N GLU C 89 -21.72 8.21 -3.06
CA GLU C 89 -22.96 8.64 -3.69
C GLU C 89 -22.61 9.25 -5.04
N SER C 90 -23.16 8.68 -6.12
CA SER C 90 -22.79 9.16 -7.45
C SER C 90 -23.99 9.34 -8.38
N TYR C 91 -25.22 9.33 -7.87
CA TYR C 91 -26.38 9.50 -8.72
C TYR C 91 -26.48 10.94 -9.22
N VAL C 92 -26.62 11.10 -10.53
CA VAL C 92 -26.82 12.42 -11.15
C VAL C 92 -28.26 12.60 -11.61
N GLU C 93 -28.70 11.78 -12.55
CA GLU C 93 -30.05 11.88 -13.10
C GLU C 93 -30.35 10.62 -13.90
N SER C 94 -31.62 10.49 -14.29
CA SER C 94 -32.07 9.39 -15.13
C SER C 94 -33.02 9.94 -16.18
N ILE C 95 -32.80 9.57 -17.44
CA ILE C 95 -33.70 9.92 -18.53
C ILE C 95 -34.27 8.63 -19.11
N PHE C 96 -35.52 8.67 -19.53
CA PHE C 96 -36.24 7.45 -19.87
C PHE C 96 -36.62 7.42 -21.34
N PHE C 97 -36.70 6.21 -21.88
CA PHE C 97 -37.09 5.97 -23.26
C PHE C 97 -38.19 4.91 -23.29
N GLU C 98 -38.92 4.88 -24.41
CA GLU C 98 -39.95 3.86 -24.59
C GLU C 98 -39.41 2.61 -25.25
N ASN C 99 -38.33 2.72 -26.03
CA ASN C 99 -37.72 1.60 -26.71
C ASN C 99 -36.30 1.39 -26.21
N GLU C 100 -35.89 0.13 -26.16
CA GLU C 100 -34.50 -0.18 -25.81
C GLU C 100 -33.55 0.28 -26.91
N GLU C 101 -33.98 0.20 -28.17
CA GLU C 101 -33.14 0.64 -29.27
C GLU C 101 -32.87 2.14 -29.19
N ASP C 102 -33.87 2.92 -28.80
CA ASP C 102 -33.70 4.37 -28.71
C ASP C 102 -32.72 4.74 -27.60
N ALA C 103 -32.85 4.12 -26.42
CA ALA C 103 -31.92 4.40 -25.33
C ALA C 103 -30.51 3.93 -25.67
N ARG C 104 -30.40 2.79 -26.34
CA ARG C 104 -29.08 2.32 -26.77
C ARG C 104 -28.46 3.28 -27.77
N GLU C 105 -29.27 3.83 -28.68
CA GLU C 105 -28.76 4.82 -29.62
C GLU C 105 -28.32 6.09 -28.90
N TYR C 106 -29.09 6.52 -27.90
CA TYR C 106 -28.70 7.67 -27.09
C TYR C 106 -27.32 7.44 -26.47
N ILE C 107 -27.16 6.35 -25.72
CA ILE C 107 -25.88 6.07 -25.08
C ILE C 107 -24.78 5.89 -26.12
N LYS C 108 -25.13 5.38 -27.31
CA LYS C 108 -24.14 5.07 -28.32
C LYS C 108 -23.55 6.34 -28.93
N LEU C 109 -24.42 7.26 -29.37
CA LEU C 109 -23.97 8.41 -30.13
C LEU C 109 -23.90 9.70 -29.32
N VAL C 110 -25.00 10.08 -28.66
CA VAL C 110 -25.00 11.38 -27.98
C VAL C 110 -24.21 11.36 -26.67
N LEU C 111 -23.89 10.18 -26.14
CA LEU C 111 -23.11 10.08 -24.91
C LEU C 111 -21.74 9.48 -25.08
N LYS C 112 -21.50 8.74 -26.18
CA LYS C 112 -20.19 8.14 -26.49
C LYS C 112 -19.73 7.23 -25.35
N GLY C 113 -20.52 6.18 -25.10
CA GLY C 113 -20.28 5.26 -23.99
C GLY C 113 -19.80 3.92 -24.49
N HIS C 114 -18.75 3.40 -23.83
CA HIS C 114 -18.21 2.08 -24.09
C HIS C 114 -18.54 1.16 -22.93
N GLU C 115 -18.79 -0.11 -23.24
CA GLU C 115 -19.12 -1.08 -22.20
C GLU C 115 -17.89 -1.63 -21.48
N THR C 116 -16.69 -1.21 -21.87
CA THR C 116 -15.46 -1.64 -21.22
C THR C 116 -14.72 -0.42 -20.68
N PHE C 117 -14.19 -0.55 -19.46
CA PHE C 117 -13.36 0.51 -18.89
C PHE C 117 -12.08 0.69 -19.71
N GLU C 118 -11.49 -0.42 -20.15
CA GLU C 118 -10.31 -0.36 -21.00
C GLU C 118 -10.64 0.31 -22.34
N GLU C 119 -11.78 -0.05 -22.93
CA GLU C 119 -12.23 0.58 -24.16
C GLU C 119 -12.31 2.09 -24.00
N THR C 120 -12.95 2.55 -22.92
CA THR C 120 -13.11 3.99 -22.71
C THR C 120 -11.77 4.66 -22.44
N ALA C 121 -10.89 3.99 -21.69
CA ALA C 121 -9.57 4.56 -21.39
C ALA C 121 -8.77 4.79 -22.67
N LYS C 122 -8.81 3.81 -23.59
CA LYS C 122 -8.08 3.99 -24.84
C LYS C 122 -8.79 4.96 -25.78
N ALA C 123 -10.13 4.99 -25.76
CA ALA C 123 -10.86 5.84 -26.70
C ALA C 123 -10.78 7.30 -26.30
N ILE C 124 -10.75 7.61 -25.00
CA ILE C 124 -10.59 8.98 -24.55
C ILE C 124 -9.12 9.39 -24.48
N GLY C 125 -8.20 8.45 -24.54
CA GLY C 125 -6.79 8.76 -24.56
C GLY C 125 -6.06 8.62 -23.24
N VAL C 126 -6.69 8.04 -22.22
CA VAL C 126 -5.98 7.79 -20.96
C VAL C 126 -4.77 6.89 -21.20
N ILE C 127 -4.91 5.92 -22.11
CA ILE C 127 -3.83 5.05 -22.53
C ILE C 127 -3.90 4.90 -24.05
N LYS C 128 -3.00 4.06 -24.58
CA LYS C 128 -2.87 3.78 -26.02
C LYS C 128 -4.14 3.93 -26.83
P PO4 D . -14.16 -8.75 0.29
O1 PO4 D . -12.91 -9.61 0.39
O2 PO4 D . -13.82 -7.33 0.65
O3 PO4 D . -14.68 -8.81 -1.12
O4 PO4 D . -15.20 -9.28 1.25
P PO4 E . 5.40 0.22 22.84
O1 PO4 E . 6.77 0.52 23.40
O2 PO4 E . 4.54 -0.41 23.92
O3 PO4 E . 5.54 -0.74 21.68
O4 PO4 E . 4.77 1.50 22.35
P PO4 F . 28.34 -31.37 10.45
O1 PO4 F . 28.77 -31.71 9.05
O2 PO4 F . 28.64 -29.91 10.72
O3 PO4 F . 29.11 -32.23 11.43
O4 PO4 F . 26.87 -31.62 10.62
P PO4 G . -26.24 42.61 -4.77
O1 PO4 G . -25.05 42.97 -5.62
O2 PO4 G . -26.11 43.28 -3.42
O3 PO4 G . -26.28 41.11 -4.57
O4 PO4 G . -27.51 43.07 -5.44
P PO4 H . 10.72 -19.99 17.40
O1 PO4 H . 12.17 -19.57 17.33
O2 PO4 H . 10.62 -21.48 17.67
O3 PO4 H . 10.05 -19.68 16.07
O4 PO4 H . 10.03 -19.24 18.51
P PO4 I . 34.34 -9.54 20.96
O1 PO4 I . 35.46 -10.53 21.15
O2 PO4 I . 34.47 -8.90 19.60
O3 PO4 I . 33.02 -10.27 21.06
O4 PO4 I . 34.41 -8.47 22.02
P PO4 J . -6.15 23.06 3.44
O1 PO4 J . -5.27 21.89 3.78
O2 PO4 J . -5.58 24.32 4.04
O3 PO4 J . -6.24 23.20 1.94
O4 PO4 J . -7.53 22.83 4.00
P PO4 K . -6.24 34.72 1.36
O1 PO4 K . -5.27 33.66 0.87
O2 PO4 K . -5.49 36.00 1.62
O3 PO4 K . -7.29 34.96 0.29
O4 PO4 K . -6.91 34.24 2.62
P PO4 L . -5.87 3.87 19.06
O1 PO4 L . -5.32 4.17 17.68
O2 PO4 L . -4.71 3.67 20.01
O3 PO4 L . -6.70 2.62 19.00
O4 PO4 L . -6.71 5.03 19.54
#